data_5G17
#
_entry.id   5G17
#
_cell.length_a   101.270
_cell.length_b   101.270
_cell.length_c   175.220
_cell.angle_alpha   90.00
_cell.angle_beta   90.00
_cell.angle_gamma   90.00
#
_symmetry.space_group_name_H-M   'P 42 21 2'
#
loop_
_entity.id
_entity.type
_entity.pdbx_description
1 polymer 'HISTONE DEACETYLASE-LIKE AMIDOHYDROLASE'
2 non-polymer 'ZINC ION'
3 non-polymer 'POTASSIUM ION'
4 non-polymer 9,9,9-tris(fluoranyl)-8,8-bis(oxidanyl)-~{N}-phenyl-nonanamide
5 water water
#
_entity_poly.entity_id   1
_entity_poly.type   'polypeptide(L)'
_entity_poly.pdbx_seq_one_letter_code
;HAIGYVWNTLYGWVDTGTGSLAAANLTARMQPISHHLAHPDTKRRFHELVCASGQIEHLTPIAAVAATDADILRAHSAAH
LENMKRVSNLPTGGDTGDGIAMMGNGGLEIARLSAGGAVELTRRVATGELSAGYALVNPPGHHAPHNAAMGFCIFNNTSV
AAGYARAVLGMERVAILDWDVHHGNGTQDIWWNDPSVLTISLHQHLCFPPDSGYSTERGAGNGHGYNINVPLPPGSGNAA
YLHAMDQVVLPALRAYRPQLIIVGSGFDASMLDPLARMMVTADGFRQMARRTIDCAADICDGRIVFVQEGGYSPHYLPFC
GLAVIEELTGVRSLPDPYHEFLAGMGGNTLLDAERAAIEEIVPLLADIR
;
_entity_poly.pdbx_strand_id   A,B
#
# COMPACT_ATOMS: atom_id res chain seq x y z
N ALA A 2 8.96 -19.65 12.49
CA ALA A 2 8.07 -18.43 12.38
C ALA A 2 8.87 -17.25 11.84
N ILE A 3 8.40 -16.69 10.72
CA ILE A 3 9.18 -15.67 9.99
C ILE A 3 8.52 -14.29 10.15
N GLY A 4 9.25 -13.34 10.73
CA GLY A 4 8.74 -11.99 10.92
C GLY A 4 8.86 -11.16 9.66
N TYR A 5 7.97 -10.19 9.52
CA TYR A 5 7.96 -9.29 8.37
C TYR A 5 7.51 -7.92 8.83
N VAL A 6 8.33 -6.89 8.59
CA VAL A 6 8.01 -5.52 8.95
C VAL A 6 7.77 -4.67 7.70
N TRP A 7 6.58 -4.09 7.61
CA TRP A 7 6.28 -2.98 6.72
C TRP A 7 5.46 -1.98 7.51
N ASN A 8 5.71 -0.71 7.27
CA ASN A 8 4.94 0.37 7.85
C ASN A 8 4.56 1.26 6.70
N THR A 9 3.30 1.69 6.66
CA THR A 9 2.82 2.59 5.62
C THR A 9 3.76 3.76 5.36
N LEU A 10 4.31 4.35 6.41
CA LEU A 10 5.12 5.55 6.24
C LEU A 10 6.46 5.30 5.51
N TYR A 11 6.92 4.06 5.50
CA TYR A 11 8.05 3.70 4.64
C TYR A 11 7.80 4.09 3.19
N GLY A 12 6.53 4.04 2.77
CA GLY A 12 6.16 4.43 1.41
C GLY A 12 5.90 5.90 1.20
N TRP A 13 6.01 6.71 2.26
CA TRP A 13 5.70 8.13 2.23
C TRP A 13 6.96 9.03 2.32
N VAL A 14 8.14 8.45 2.28
CA VAL A 14 9.38 9.21 2.32
C VAL A 14 9.39 10.18 1.17
N ASP A 15 9.62 11.44 1.46
CA ASP A 15 9.51 12.49 0.43
C ASP A 15 10.91 12.69 -0.15
N THR A 16 11.08 12.22 -1.37
CA THR A 16 12.34 12.31 -2.06
C THR A 16 12.43 13.54 -2.98
N GLY A 17 11.40 14.38 -3.00
CA GLY A 17 11.49 15.68 -3.68
C GLY A 17 11.05 15.61 -5.13
N THR A 18 11.60 16.53 -5.94
CA THR A 18 11.28 16.62 -7.35
C THR A 18 12.50 16.54 -8.26
N GLY A 19 13.67 16.23 -7.70
CA GLY A 19 14.89 16.00 -8.47
C GLY A 19 15.07 14.53 -8.81
N SER A 20 16.15 14.28 -9.55
CA SER A 20 16.53 12.94 -9.93
C SER A 20 17.41 12.24 -8.91
N LEU A 21 18.35 13.01 -8.36
CA LEU A 21 19.37 12.53 -7.47
C LEU A 21 19.66 13.66 -6.50
N ALA A 22 20.26 14.75 -6.98
CA ALA A 22 20.24 16.02 -6.27
C ALA A 22 18.88 16.64 -6.60
N ALA A 23 18.61 17.79 -6.00
CA ALA A 23 17.39 18.51 -6.26
C ALA A 23 17.31 18.95 -7.74
N ALA A 24 16.10 19.22 -8.20
CA ALA A 24 15.92 19.85 -9.51
C ALA A 24 16.64 21.20 -9.40
N ASN A 25 17.20 21.66 -10.49
CA ASN A 25 17.97 22.90 -10.46
C ASN A 25 17.87 23.54 -11.81
N LEU A 26 17.25 24.71 -11.86
CA LEU A 26 16.96 25.35 -13.12
C LEU A 26 18.20 25.86 -13.82
N THR A 27 19.15 26.42 -13.09
CA THR A 27 20.37 26.92 -13.70
C THR A 27 21.18 25.80 -14.36
N ALA A 28 21.17 24.62 -13.73
CA ALA A 28 21.85 23.45 -14.26
C ALA A 28 21.01 22.76 -15.36
N ARG A 29 19.76 23.20 -15.52
CA ARG A 29 18.79 22.61 -16.44
C ARG A 29 18.50 21.14 -16.15
N MET A 30 18.43 20.82 -14.86
CA MET A 30 17.93 19.53 -14.40
C MET A 30 16.42 19.70 -14.17
N GLN A 31 15.66 19.18 -15.13
CA GLN A 31 14.20 19.31 -15.16
C GLN A 31 13.59 18.54 -14.00
N PRO A 32 12.56 19.09 -13.35
CA PRO A 32 11.87 18.29 -12.32
C PRO A 32 11.30 16.99 -12.89
N ILE A 33 11.17 16.00 -12.02
CA ILE A 33 10.67 14.70 -12.43
C ILE A 33 9.82 14.13 -11.29
N SER A 34 8.82 13.32 -11.61
CA SER A 34 7.88 12.81 -10.59
C SER A 34 8.58 11.84 -9.62
N HIS A 35 9.43 10.99 -10.18
CA HIS A 35 10.08 9.94 -9.40
C HIS A 35 11.59 10.13 -9.36
N HIS A 36 12.07 10.61 -8.22
CA HIS A 36 13.49 10.57 -7.90
C HIS A 36 13.99 9.12 -8.01
N LEU A 37 15.27 8.95 -8.30
CA LEU A 37 15.82 7.59 -8.34
C LEU A 37 15.44 6.74 -7.12
N ALA A 38 15.49 7.35 -5.94
CA ALA A 38 15.21 6.70 -4.66
C ALA A 38 13.76 6.78 -4.17
N HIS A 39 12.84 7.08 -5.06
CA HIS A 39 11.43 7.23 -4.72
C HIS A 39 10.92 5.97 -3.97
N PRO A 40 10.06 6.14 -2.95
CA PRO A 40 9.64 4.99 -2.15
C PRO A 40 8.79 3.97 -2.86
N ASP A 41 8.29 4.28 -4.06
CA ASP A 41 7.45 3.32 -4.78
C ASP A 41 8.20 2.01 -5.02
N THR A 42 9.50 2.04 -5.25
CA THR A 42 10.25 0.83 -5.53
C THR A 42 10.07 -0.18 -4.38
N LYS A 43 10.29 0.27 -3.16
CA LYS A 43 10.14 -0.62 -2.01
C LYS A 43 8.68 -0.94 -1.72
N ARG A 44 7.78 0.02 -1.94
CA ARG A 44 6.37 -0.27 -1.75
C ARG A 44 5.89 -1.37 -2.69
N ARG A 45 6.39 -1.37 -3.93
CA ARG A 45 6.02 -2.43 -4.89
C ARG A 45 6.51 -3.82 -4.42
N PHE A 46 7.66 -3.85 -3.75
CA PHE A 46 8.14 -5.08 -3.11
C PHE A 46 7.11 -5.53 -2.04
N HIS A 47 6.73 -4.61 -1.15
CA HIS A 47 5.71 -4.96 -0.15
C HIS A 47 4.42 -5.47 -0.77
N GLU A 48 3.95 -4.77 -1.80
CA GLU A 48 2.68 -5.15 -2.42
C GLU A 48 2.75 -6.49 -3.09
N LEU A 49 3.92 -6.83 -3.66
CA LEU A 49 4.14 -8.17 -4.19
C LEU A 49 4.18 -9.26 -3.08
N VAL A 50 4.79 -8.95 -1.95
CA VAL A 50 4.76 -9.89 -0.81
C VAL A 50 3.31 -10.24 -0.44
N CYS A 51 2.44 -9.24 -0.48
CA CYS A 51 1.04 -9.45 -0.19
C CYS A 51 0.30 -10.16 -1.34
N ALA A 52 0.44 -9.64 -2.55
CA ALA A 52 -0.32 -10.18 -3.68
C ALA A 52 0.09 -11.57 -4.10
N SER A 53 1.35 -11.93 -3.87
CA SER A 53 1.86 -13.27 -4.15
C SER A 53 1.31 -14.33 -3.18
N GLY A 54 0.74 -13.88 -2.07
CA GLY A 54 0.36 -14.78 -0.98
C GLY A 54 1.44 -15.07 0.03
N GLN A 55 2.65 -14.51 -0.14
CA GLN A 55 3.69 -14.73 0.88
C GLN A 55 3.29 -14.20 2.23
N ILE A 56 2.53 -13.10 2.26
CA ILE A 56 2.12 -12.50 3.52
C ILE A 56 1.40 -13.50 4.45
N GLU A 57 0.66 -14.45 3.86
CA GLU A 57 -0.03 -15.49 4.64
C GLU A 57 0.92 -16.44 5.39
N HIS A 58 2.18 -16.53 4.95
CA HIS A 58 3.19 -17.36 5.57
C HIS A 58 4.13 -16.59 6.49
N LEU A 59 3.85 -15.31 6.67
CA LEU A 59 4.67 -14.42 7.49
C LEU A 59 3.90 -13.96 8.71
N THR A 60 4.64 -13.60 9.73
CA THR A 60 4.09 -13.04 10.94
C THR A 60 4.36 -11.53 10.86
N PRO A 61 3.30 -10.73 10.62
CA PRO A 61 3.53 -9.28 10.55
C PRO A 61 3.93 -8.71 11.90
N ILE A 62 4.98 -7.91 11.88
CA ILE A 62 5.56 -7.30 13.06
C ILE A 62 5.46 -5.80 12.89
N ALA A 63 4.81 -5.12 13.82
CA ALA A 63 4.69 -3.67 13.75
C ALA A 63 6.01 -3.02 14.10
N ALA A 64 6.43 -2.03 13.31
CA ALA A 64 7.56 -1.22 13.71
C ALA A 64 7.25 -0.45 14.99
N VAL A 65 8.27 -0.29 15.81
CA VAL A 65 8.21 0.53 17.01
C VAL A 65 9.28 1.59 16.84
N ALA A 66 8.93 2.86 17.00
CA ALA A 66 9.88 3.96 16.80
C ALA A 66 11.14 3.79 17.64
N ALA A 67 12.30 3.89 16.99
CA ALA A 67 13.57 3.91 17.70
C ALA A 67 13.61 5.11 18.65
N THR A 68 14.01 4.84 19.88
CA THR A 68 14.17 5.90 20.87
C THR A 68 15.48 6.63 20.66
N ASP A 69 15.64 7.77 21.31
CA ASP A 69 16.94 8.43 21.32
C ASP A 69 18.05 7.45 21.81
N ALA A 70 17.77 6.70 22.88
CA ALA A 70 18.76 5.75 23.40
C ALA A 70 19.15 4.72 22.35
N ASP A 71 18.17 4.21 21.60
CA ASP A 71 18.46 3.25 20.52
C ASP A 71 19.40 3.87 19.50
N ILE A 72 19.10 5.10 19.07
CA ILE A 72 19.86 5.76 18.03
C ILE A 72 21.29 6.05 18.49
N LEU A 73 21.43 6.45 19.76
CA LEU A 73 22.73 6.80 20.30
C LEU A 73 23.69 5.61 20.46
N ARG A 74 23.19 4.36 20.35
CA ARG A 74 24.09 3.20 20.27
C ARG A 74 24.88 3.12 18.96
N ALA A 75 24.44 3.85 17.94
CA ALA A 75 25.09 3.88 16.61
C ALA A 75 25.59 5.26 16.20
N HIS A 76 25.02 6.32 16.76
CA HIS A 76 25.25 7.68 16.29
C HIS A 76 25.55 8.65 17.40
N SER A 77 26.16 9.77 17.02
CA SER A 77 26.43 10.84 17.96
C SER A 77 25.17 11.60 18.36
N ALA A 78 25.21 12.20 19.55
CA ALA A 78 24.14 13.08 19.96
C ALA A 78 24.00 14.27 19.05
N ALA A 79 25.10 14.81 18.54
CA ALA A 79 25.00 15.92 17.61
C ALA A 79 24.25 15.56 16.34
N HIS A 80 24.50 14.37 15.83
CA HIS A 80 23.78 13.92 14.63
C HIS A 80 22.27 13.79 14.89
N LEU A 81 21.90 13.14 15.98
CA LEU A 81 20.50 13.02 16.37
C LEU A 81 19.83 14.39 16.50
N GLU A 82 20.50 15.32 17.19
CA GLU A 82 19.93 16.66 17.36
C GLU A 82 19.79 17.40 16.02
N ASN A 83 20.74 17.23 15.12
CA ASN A 83 20.64 17.86 13.81
C ASN A 83 19.47 17.29 13.00
N MET A 84 19.22 15.99 13.15
CA MET A 84 18.09 15.38 12.43
C MET A 84 16.76 15.88 12.99
N LYS A 85 16.71 16.08 14.31
CA LYS A 85 15.52 16.72 14.91
C LYS A 85 15.29 18.11 14.33
N ARG A 86 16.37 18.87 14.22
CA ARG A 86 16.28 20.23 13.69
C ARG A 86 15.77 20.30 12.25
N VAL A 87 16.39 19.49 11.39
CA VAL A 87 16.03 19.48 9.98
C VAL A 87 14.59 19.00 9.76
N SER A 88 14.19 18.01 10.55
CA SER A 88 12.85 17.48 10.44
C SER A 88 11.78 18.51 10.83
N ASN A 89 12.12 19.40 11.77
CA ASN A 89 11.25 20.51 12.24
C ASN A 89 11.14 21.70 11.30
N LEU A 90 12.03 21.82 10.31
CA LEU A 90 11.94 22.91 9.32
C LEU A 90 10.67 22.74 8.49
N PRO A 91 9.98 23.84 8.13
CA PRO A 91 8.67 23.69 7.49
C PRO A 91 8.66 22.90 6.18
N THR A 92 9.73 22.99 5.39
CA THR A 92 9.84 22.25 4.14
C THR A 92 10.74 21.00 4.27
N GLY A 93 11.29 20.78 5.47
CA GLY A 93 12.42 19.89 5.66
C GLY A 93 13.69 20.63 5.27
N GLY A 94 14.70 19.90 4.79
CA GLY A 94 15.93 20.55 4.35
C GLY A 94 17.15 19.66 4.22
N ASP A 95 18.29 20.34 4.17
CA ASP A 95 19.61 19.74 3.94
C ASP A 95 20.05 18.96 5.17
N THR A 96 20.26 17.67 4.98
CA THR A 96 20.67 16.80 6.08
C THR A 96 22.20 16.88 6.36
N GLY A 97 22.96 17.62 5.55
CA GLY A 97 24.36 17.96 5.87
C GLY A 97 25.27 18.19 4.67
N ASP A 98 25.20 17.30 3.69
CA ASP A 98 26.13 17.28 2.53
C ASP A 98 25.66 18.05 1.28
N GLY A 99 24.45 18.59 1.32
CA GLY A 99 23.89 19.36 0.19
C GLY A 99 23.23 18.59 -0.93
N ILE A 100 23.32 17.25 -0.94
CA ILE A 100 22.73 16.42 -2.01
C ILE A 100 21.38 15.84 -1.58
N ALA A 101 21.39 14.94 -0.59
CA ALA A 101 20.17 14.30 -0.08
C ALA A 101 19.50 15.23 0.93
N MET A 102 18.23 15.54 0.66
CA MET A 102 17.38 16.34 1.55
C MET A 102 16.54 15.37 2.39
N MET A 103 15.97 15.87 3.48
CA MET A 103 14.96 15.15 4.24
C MET A 103 13.72 16.01 4.32
N GLY A 104 12.58 15.40 4.01
CA GLY A 104 11.30 16.12 4.05
C GLY A 104 10.83 16.47 5.44
N ASN A 105 9.86 17.36 5.53
CA ASN A 105 9.35 17.79 6.82
C ASN A 105 8.73 16.62 7.60
N GLY A 106 8.96 16.59 8.93
CA GLY A 106 8.57 15.50 9.80
C GLY A 106 9.26 14.17 9.54
N GLY A 107 10.23 14.15 8.61
CA GLY A 107 10.87 12.93 8.18
C GLY A 107 11.57 12.11 9.25
N LEU A 108 11.91 12.74 10.38
CA LEU A 108 12.49 12.00 11.50
C LEU A 108 11.57 10.90 11.97
N GLU A 109 10.25 11.13 11.90
CA GLU A 109 9.31 10.12 12.34
C GLU A 109 9.53 8.82 11.54
N ILE A 110 9.73 8.96 10.24
CA ILE A 110 9.92 7.79 9.39
C ILE A 110 11.30 7.19 9.66
N ALA A 111 12.33 8.03 9.82
CA ALA A 111 13.66 7.49 10.12
C ALA A 111 13.67 6.69 11.43
N ARG A 112 12.92 7.14 12.44
CA ARG A 112 12.83 6.34 13.67
C ARG A 112 12.09 5.03 13.47
N LEU A 113 11.02 5.04 12.65
CA LEU A 113 10.30 3.82 12.39
C LEU A 113 11.11 2.83 11.56
N SER A 114 11.98 3.33 10.70
CA SER A 114 12.86 2.48 9.92
C SER A 114 13.90 1.79 10.81
N ALA A 115 14.60 2.56 11.64
CA ALA A 115 15.57 1.96 12.56
C ALA A 115 14.86 1.07 13.57
N GLY A 116 13.70 1.53 14.06
CA GLY A 116 12.90 0.79 15.00
C GLY A 116 12.31 -0.50 14.48
N GLY A 117 12.03 -0.56 13.18
CA GLY A 117 11.59 -1.80 12.57
C GLY A 117 12.69 -2.85 12.59
N ALA A 118 13.91 -2.42 12.31
CA ALA A 118 15.07 -3.30 12.41
C ALA A 118 15.31 -3.79 13.83
N VAL A 119 15.18 -2.88 14.79
CA VAL A 119 15.34 -3.25 16.22
C VAL A 119 14.27 -4.24 16.66
N GLU A 120 13.01 -3.95 16.35
CA GLU A 120 11.92 -4.80 16.79
C GLU A 120 12.01 -6.19 16.22
N LEU A 121 12.36 -6.32 14.94
CA LEU A 121 12.54 -7.62 14.39
C LEU A 121 13.71 -8.37 15.02
N THR A 122 14.82 -7.65 15.24
CA THR A 122 16.00 -8.20 15.91
C THR A 122 15.64 -8.72 17.29
N ARG A 123 14.86 -7.93 18.03
CA ARG A 123 14.46 -8.35 19.38
C ARG A 123 13.70 -9.67 19.34
N ARG A 124 12.73 -9.77 18.44
CA ARG A 124 11.88 -10.96 18.38
C ARG A 124 12.61 -12.20 17.88
N VAL A 125 13.56 -12.03 16.96
CA VAL A 125 14.35 -13.15 16.50
C VAL A 125 15.35 -13.56 17.58
N ALA A 126 16.03 -12.60 18.19
CA ALA A 126 17.04 -12.92 19.19
C ALA A 126 16.49 -13.61 20.43
N THR A 127 15.31 -13.23 20.84
CA THR A 127 14.72 -13.82 22.02
C THR A 127 14.03 -15.16 21.73
N GLY A 128 13.92 -15.57 20.47
CA GLY A 128 13.31 -16.84 20.11
C GLY A 128 11.83 -16.83 19.81
N GLU A 129 11.20 -15.66 19.86
CA GLU A 129 9.80 -15.51 19.43
C GLU A 129 9.62 -15.90 17.95
N LEU A 130 10.60 -15.48 17.14
CA LEU A 130 10.64 -15.76 15.69
C LEU A 130 11.93 -16.45 15.38
N SER A 131 11.98 -17.22 14.29
CA SER A 131 13.22 -17.87 13.87
C SER A 131 14.09 -16.96 13.00
N ALA A 132 13.45 -16.06 12.27
CA ALA A 132 14.15 -15.17 11.30
C ALA A 132 13.16 -14.14 10.82
N GLY A 133 13.60 -13.19 10.01
CA GLY A 133 12.63 -12.28 9.41
C GLY A 133 13.24 -11.31 8.43
N TYR A 134 12.35 -10.51 7.84
CA TYR A 134 12.73 -9.46 6.87
C TYR A 134 12.07 -8.16 7.27
N ALA A 135 12.87 -7.11 7.47
CA ALA A 135 12.37 -5.77 7.79
C ALA A 135 12.51 -4.93 6.53
N LEU A 136 11.36 -4.67 5.89
CA LEU A 136 11.34 -3.93 4.62
C LEU A 136 11.23 -2.45 4.93
N VAL A 137 12.33 -1.89 5.43
CA VAL A 137 12.36 -0.53 5.93
C VAL A 137 12.74 0.48 4.84
N ASN A 138 12.42 1.75 5.13
CA ASN A 138 12.84 2.89 4.31
C ASN A 138 12.64 4.10 5.19
N PRO A 139 13.58 5.03 5.33
CA PRO A 139 14.83 5.15 4.56
C PRO A 139 15.90 4.12 4.94
N PRO A 140 16.86 3.92 4.05
CA PRO A 140 17.97 2.96 4.23
C PRO A 140 18.99 3.49 5.22
N GLY A 141 19.99 2.66 5.48
CA GLY A 141 20.92 2.96 6.57
C GLY A 141 22.42 2.97 6.35
N HIS A 142 22.90 2.14 5.45
CA HIS A 142 24.33 1.72 5.56
C HIS A 142 25.39 2.75 5.23
N HIS A 143 25.03 3.84 4.58
CA HIS A 143 25.97 4.94 4.35
C HIS A 143 26.09 5.93 5.53
N ALA A 144 25.16 5.90 6.49
CA ALA A 144 25.22 6.88 7.59
C ALA A 144 26.29 6.45 8.58
N PRO A 145 27.36 7.25 8.73
CA PRO A 145 28.39 6.93 9.71
C PRO A 145 27.96 7.44 11.09
N HIS A 146 28.85 7.37 12.06
CA HIS A 146 28.48 7.74 13.42
C HIS A 146 27.92 9.18 13.52
N ASN A 147 28.55 10.12 12.83
CA ASN A 147 28.26 11.54 13.01
C ASN A 147 27.53 12.24 11.87
N ALA A 148 26.90 11.51 10.95
CA ALA A 148 26.29 12.18 9.80
C ALA A 148 25.28 11.33 9.08
N ALA A 149 24.45 12.02 8.29
CA ALA A 149 23.61 11.36 7.27
C ALA A 149 24.36 11.42 5.92
N MET A 150 24.15 10.43 5.08
CA MET A 150 24.83 10.34 3.79
C MET A 150 24.05 9.37 2.91
N GLY A 151 24.07 9.62 1.61
CA GLY A 151 23.64 8.58 0.65
C GLY A 151 22.21 8.06 0.85
N PHE A 152 21.29 9.00 1.05
CA PHE A 152 19.87 8.74 1.31
C PHE A 152 19.61 8.15 2.71
N CYS A 153 20.63 8.00 3.54
CA CYS A 153 20.50 7.35 4.84
C CYS A 153 20.52 8.39 5.94
N ILE A 154 19.57 8.31 6.86
CA ILE A 154 19.49 9.20 8.01
C ILE A 154 20.14 8.55 9.23
N PHE A 155 19.73 7.34 9.56
CA PHE A 155 20.33 6.54 10.62
C PHE A 155 20.71 5.18 10.07
N ASN A 156 21.75 4.58 10.64
CA ASN A 156 22.26 3.31 10.19
C ASN A 156 21.47 2.21 10.86
N ASN A 157 20.39 1.81 10.20
CA ASN A 157 19.43 0.85 10.75
C ASN A 157 20.04 -0.44 11.24
N THR A 158 20.94 -1.04 10.46
CA THR A 158 21.50 -2.33 10.88
C THR A 158 22.44 -2.13 12.08
N SER A 159 23.10 -0.99 12.15
CA SER A 159 23.96 -0.68 13.30
C SER A 159 23.16 -0.35 14.54
N VAL A 160 22.02 0.30 14.38
CA VAL A 160 21.14 0.50 15.52
C VAL A 160 20.69 -0.86 16.05
N ALA A 161 20.32 -1.76 15.14
CA ALA A 161 19.91 -3.11 15.55
C ALA A 161 21.06 -3.89 16.20
N ALA A 162 22.26 -3.82 15.63
CA ALA A 162 23.41 -4.51 16.22
C ALA A 162 23.75 -3.93 17.60
N GLY A 163 23.65 -2.62 17.74
CA GLY A 163 23.92 -1.94 19.01
C GLY A 163 22.94 -2.42 20.07
N TYR A 164 21.69 -2.62 19.68
CA TYR A 164 20.66 -3.13 20.57
C TYR A 164 20.97 -4.57 20.99
N ALA A 165 21.33 -5.41 20.02
CA ALA A 165 21.67 -6.81 20.31
C ALA A 165 22.85 -6.91 21.29
N ARG A 166 23.81 -6.02 21.13
CA ARG A 166 25.00 -6.00 22.00
C ARG A 166 24.61 -5.55 23.41
N ALA A 167 24.01 -4.35 23.49
CA ALA A 167 23.81 -3.68 24.80
C ALA A 167 22.61 -4.18 25.57
N VAL A 168 21.50 -4.46 24.90
CA VAL A 168 20.25 -4.83 25.55
C VAL A 168 20.12 -6.33 25.66
N LEU A 169 20.46 -7.05 24.60
CA LEU A 169 20.34 -8.49 24.61
C LEU A 169 21.62 -9.18 25.10
N GLY A 170 22.70 -8.43 25.27
CA GLY A 170 23.94 -8.99 25.78
C GLY A 170 24.68 -9.94 24.86
N MET A 171 24.42 -9.89 23.56
CA MET A 171 25.23 -10.70 22.65
C MET A 171 26.64 -10.16 22.61
N GLU A 172 27.61 -11.07 22.61
CA GLU A 172 29.01 -10.68 22.57
C GLU A 172 29.55 -10.46 21.15
N ARG A 173 28.95 -11.11 20.17
CA ARG A 173 29.42 -11.04 18.75
C ARG A 173 28.19 -10.95 17.85
N VAL A 174 28.18 -9.96 16.95
CA VAL A 174 27.14 -9.80 15.95
C VAL A 174 27.86 -9.59 14.60
N ALA A 175 27.30 -10.12 13.52
CA ALA A 175 27.83 -9.83 12.17
C ALA A 175 26.80 -9.09 11.34
N ILE A 176 27.29 -8.10 10.60
CA ILE A 176 26.46 -7.38 9.60
C ILE A 176 27.05 -7.68 8.23
N LEU A 177 26.27 -8.38 7.40
CA LEU A 177 26.66 -8.70 6.02
C LEU A 177 25.85 -7.80 5.10
N ASP A 178 26.53 -6.97 4.32
CA ASP A 178 25.88 -5.94 3.48
C ASP A 178 26.16 -6.22 2.01
N TRP A 179 25.11 -6.70 1.32
CA TRP A 179 25.20 -7.01 -0.12
C TRP A 179 24.49 -6.01 -1.00
N ASP A 180 24.06 -4.88 -0.42
CA ASP A 180 23.79 -3.69 -1.23
C ASP A 180 25.02 -3.44 -2.10
N VAL A 181 24.81 -3.00 -3.35
CA VAL A 181 25.89 -2.89 -4.31
C VAL A 181 26.87 -1.76 -4.01
N HIS A 182 26.48 -0.85 -3.11
CA HIS A 182 27.33 0.28 -2.71
C HIS A 182 28.02 -0.09 -1.38
N HIS A 183 29.20 0.49 -1.20
CA HIS A 183 29.98 0.22 0.00
C HIS A 183 29.25 0.70 1.27
N GLY A 184 29.15 -0.19 2.26
CA GLY A 184 28.61 0.17 3.57
C GLY A 184 29.59 0.99 4.41
N ASN A 185 29.94 2.17 3.94
CA ASN A 185 30.91 3.02 4.62
C ASN A 185 30.46 3.42 6.02
N GLY A 186 29.16 3.60 6.20
CA GLY A 186 28.65 4.08 7.48
C GLY A 186 28.84 3.02 8.54
N THR A 187 28.47 1.80 8.21
CA THR A 187 28.59 0.66 9.09
C THR A 187 30.05 0.39 9.40
N GLN A 188 30.89 0.47 8.39
CA GLN A 188 32.34 0.32 8.55
C GLN A 188 32.86 1.35 9.58
N ASP A 189 32.44 2.61 9.44
CA ASP A 189 32.87 3.71 10.33
C ASP A 189 32.42 3.45 11.76
N ILE A 190 31.17 3.06 11.92
CA ILE A 190 30.60 2.94 13.29
C ILE A 190 31.35 1.89 14.11
N TRP A 191 31.66 0.75 13.49
CA TRP A 191 32.25 -0.41 14.22
C TRP A 191 33.77 -0.57 13.94
N TRP A 192 34.39 0.47 13.42
CA TRP A 192 35.79 0.45 12.95
C TRP A 192 36.75 -0.08 14.02
N ASN A 193 36.58 0.39 15.25
CA ASN A 193 37.48 0.03 16.36
C ASN A 193 36.97 -1.12 17.21
N ASP A 194 35.94 -1.80 16.75
CA ASP A 194 35.17 -2.72 17.55
C ASP A 194 35.07 -4.13 16.94
N PRO A 195 35.75 -5.11 17.60
CA PRO A 195 35.68 -6.50 17.14
C PRO A 195 34.41 -7.24 17.45
N SER A 196 33.49 -6.63 18.23
CA SER A 196 32.26 -7.32 18.63
C SER A 196 31.16 -7.20 17.59
N VAL A 197 31.42 -6.42 16.54
CA VAL A 197 30.55 -6.38 15.37
C VAL A 197 31.43 -6.54 14.12
N LEU A 198 31.34 -7.71 13.51
CA LEU A 198 32.05 -8.01 12.25
C LEU A 198 31.24 -7.37 11.14
N THR A 199 31.90 -6.50 10.38
CA THR A 199 31.22 -5.80 9.28
C THR A 199 31.79 -6.27 7.96
N ILE A 200 30.92 -6.81 7.11
CA ILE A 200 31.29 -7.30 5.78
C ILE A 200 30.47 -6.54 4.72
N SER A 201 31.17 -6.04 3.69
CA SER A 201 30.50 -5.36 2.56
C SER A 201 30.98 -5.92 1.23
N LEU A 202 30.04 -6.45 0.45
CA LEU A 202 30.27 -6.76 -0.96
C LEU A 202 29.76 -5.57 -1.75
N HIS A 203 30.49 -5.14 -2.75
CA HIS A 203 30.05 -3.94 -3.47
C HIS A 203 30.80 -3.79 -4.77
N GLN A 204 30.19 -3.04 -5.66
CA GLN A 204 30.89 -2.59 -6.87
C GLN A 204 31.99 -1.62 -6.48
N HIS A 205 33.23 -1.90 -6.90
CA HIS A 205 34.36 -1.07 -6.53
C HIS A 205 34.17 0.41 -6.95
N LEU A 206 34.23 1.28 -5.96
CA LEU A 206 34.17 2.73 -6.12
C LEU A 206 32.89 3.26 -6.76
N CYS A 207 31.80 2.53 -6.58
CA CYS A 207 30.50 2.98 -7.08
C CYS A 207 29.96 4.11 -6.20
N PHE A 208 29.75 3.85 -4.92
CA PHE A 208 29.47 4.92 -3.97
C PHE A 208 29.77 4.40 -2.56
N PRO A 209 30.47 5.17 -1.70
CA PRO A 209 31.09 6.47 -2.01
C PRO A 209 32.31 6.34 -2.94
N PRO A 210 32.79 7.47 -3.48
CA PRO A 210 33.86 7.41 -4.47
C PRO A 210 35.25 7.00 -3.98
N ASP A 211 35.48 7.06 -2.69
CA ASP A 211 36.86 6.98 -2.18
C ASP A 211 36.98 5.94 -1.12
N SER A 212 36.17 4.88 -1.20
CA SER A 212 36.13 3.97 -0.08
C SER A 212 35.70 2.58 -0.51
N GLY A 213 35.87 1.65 0.40
CA GLY A 213 35.57 0.27 0.17
C GLY A 213 36.70 -0.60 -0.32
N TYR A 214 37.92 -0.07 -0.24
CA TYR A 214 39.10 -0.86 -0.57
C TYR A 214 39.31 -2.00 0.41
N SER A 215 39.95 -3.06 -0.07
CA SER A 215 40.27 -4.23 0.75
C SER A 215 41.24 -3.91 1.91
N THR A 216 41.97 -2.82 1.79
CA THR A 216 42.90 -2.37 2.82
C THR A 216 42.23 -1.69 4.03
N GLU A 217 40.92 -1.46 3.95
CA GLU A 217 40.17 -0.87 5.07
C GLU A 217 39.71 -1.99 5.95
N ARG A 218 40.44 -2.20 7.06
CA ARG A 218 40.34 -3.43 7.85
C ARG A 218 39.99 -3.22 9.33
N GLY A 219 39.66 -1.98 9.70
CA GLY A 219 39.44 -1.63 11.10
C GLY A 219 40.71 -1.13 11.75
N ALA A 220 40.60 -0.84 13.05
CA ALA A 220 41.75 -0.31 13.81
C ALA A 220 41.68 -0.77 15.26
N GLY A 221 42.85 -0.75 15.89
CA GLY A 221 42.97 -1.18 17.28
C GLY A 221 42.47 -2.59 17.49
N ASN A 222 41.63 -2.78 18.51
CA ASN A 222 41.07 -4.10 18.78
C ASN A 222 40.18 -4.58 17.63
N GLY A 223 39.68 -3.63 16.85
CA GLY A 223 38.85 -3.93 15.69
C GLY A 223 39.61 -4.29 14.43
N HIS A 224 40.94 -4.24 14.45
CA HIS A 224 41.71 -4.60 13.25
C HIS A 224 41.49 -6.04 12.85
N GLY A 225 41.07 -6.25 11.60
CA GLY A 225 40.68 -7.55 11.12
C GLY A 225 39.19 -7.90 11.12
N TYR A 226 38.34 -7.01 11.67
CA TYR A 226 36.92 -7.27 11.84
C TYR A 226 36.03 -6.33 11.00
N ASN A 227 36.65 -5.82 9.93
CA ASN A 227 35.96 -5.20 8.80
C ASN A 227 36.53 -5.82 7.54
N ILE A 228 35.62 -6.29 6.68
CA ILE A 228 36.00 -7.00 5.45
C ILE A 228 35.24 -6.39 4.26
N ASN A 229 35.99 -5.78 3.35
CA ASN A 229 35.45 -5.24 2.08
C ASN A 229 35.78 -6.16 0.95
N VAL A 230 34.79 -6.43 0.10
CA VAL A 230 34.98 -7.25 -1.10
C VAL A 230 34.54 -6.42 -2.30
N PRO A 231 35.39 -5.49 -2.75
CA PRO A 231 35.09 -4.75 -3.96
C PRO A 231 35.15 -5.62 -5.21
N LEU A 232 34.13 -5.53 -6.05
CA LEU A 232 33.98 -6.37 -7.25
C LEU A 232 33.91 -5.47 -8.46
N PRO A 233 34.33 -5.99 -9.63
CA PRO A 233 34.31 -5.12 -10.81
C PRO A 233 32.90 -4.96 -11.39
N PRO A 234 32.66 -3.83 -12.05
CA PRO A 234 31.44 -3.66 -12.85
C PRO A 234 31.22 -4.87 -13.78
N GLY A 235 29.96 -5.25 -13.97
CA GLY A 235 29.64 -6.40 -14.76
C GLY A 235 29.58 -7.75 -14.03
N SER A 236 29.97 -7.79 -12.76
CA SER A 236 29.91 -9.01 -11.98
C SER A 236 28.47 -9.44 -11.80
N GLY A 237 28.23 -10.75 -11.94
CA GLY A 237 26.92 -11.32 -11.84
C GLY A 237 26.81 -12.45 -10.85
N ASN A 238 25.89 -13.37 -11.13
CA ASN A 238 25.61 -14.43 -10.15
C ASN A 238 26.86 -15.24 -9.82
N ALA A 239 27.67 -15.54 -10.84
CA ALA A 239 28.84 -16.39 -10.60
C ALA A 239 29.81 -15.71 -9.63
N ALA A 240 30.11 -14.43 -9.84
CA ALA A 240 31.00 -13.68 -8.95
C ALA A 240 30.43 -13.58 -7.54
N TYR A 241 29.15 -13.25 -7.44
CA TYR A 241 28.56 -13.07 -6.11
C TYR A 241 28.53 -14.36 -5.33
N LEU A 242 28.19 -15.47 -5.99
CA LEU A 242 28.14 -16.75 -5.30
C LEU A 242 29.56 -17.23 -4.97
N HIS A 243 30.55 -16.92 -5.81
CA HIS A 243 31.94 -17.25 -5.48
C HIS A 243 32.42 -16.44 -4.26
N ALA A 244 32.00 -15.17 -4.19
CA ALA A 244 32.33 -14.34 -3.04
C ALA A 244 31.67 -14.91 -1.79
N MET A 245 30.43 -15.38 -1.91
CA MET A 245 29.76 -15.98 -0.76
C MET A 245 30.53 -17.20 -0.26
N ASP A 246 30.92 -18.06 -1.20
CA ASP A 246 31.54 -19.36 -0.84
C ASP A 246 32.98 -19.22 -0.39
N GLN A 247 33.73 -18.28 -0.97
CA GLN A 247 35.17 -18.15 -0.68
C GLN A 247 35.46 -17.22 0.48
N VAL A 248 34.60 -16.22 0.69
CA VAL A 248 34.88 -15.15 1.66
C VAL A 248 33.80 -15.02 2.73
N VAL A 249 32.56 -14.81 2.32
CA VAL A 249 31.54 -14.42 3.29
C VAL A 249 31.22 -15.52 4.27
N LEU A 250 30.87 -16.70 3.75
CA LEU A 250 30.48 -17.81 4.62
C LEU A 250 31.67 -18.29 5.48
N PRO A 251 32.89 -18.38 4.91
CA PRO A 251 34.02 -18.69 5.78
C PRO A 251 34.27 -17.63 6.85
N ALA A 252 34.07 -16.36 6.55
CA ALA A 252 34.26 -15.30 7.56
C ALA A 252 33.24 -15.46 8.69
N LEU A 253 32.00 -15.72 8.36
CA LEU A 253 30.96 -15.91 9.38
C LEU A 253 31.28 -17.13 10.24
N ARG A 254 31.72 -18.22 9.61
CA ARG A 254 32.02 -19.44 10.38
C ARG A 254 33.22 -19.22 11.30
N ALA A 255 34.19 -18.43 10.86
CA ALA A 255 35.37 -18.14 11.67
C ALA A 255 35.00 -17.26 12.87
N TYR A 256 34.08 -16.32 12.65
CA TYR A 256 33.73 -15.33 13.65
C TYR A 256 32.76 -15.86 14.71
N ARG A 257 31.88 -16.78 14.32
CA ARG A 257 30.84 -17.34 15.19
C ARG A 257 29.98 -16.24 15.83
N PRO A 258 29.32 -15.43 14.99
CA PRO A 258 28.39 -14.45 15.57
C PRO A 258 27.22 -15.15 16.24
N GLN A 259 26.59 -14.46 17.19
CA GLN A 259 25.37 -14.97 17.82
C GLN A 259 24.09 -14.53 17.08
N LEU A 260 24.26 -13.62 16.13
CA LEU A 260 23.18 -13.10 15.29
C LEU A 260 23.81 -12.60 14.00
N ILE A 261 23.17 -12.90 12.87
CA ILE A 261 23.57 -12.33 11.56
C ILE A 261 22.50 -11.35 11.13
N ILE A 262 22.91 -10.11 10.83
CA ILE A 262 22.03 -9.11 10.24
C ILE A 262 22.49 -8.92 8.81
N VAL A 263 21.56 -9.01 7.85
CA VAL A 263 21.88 -8.81 6.43
C VAL A 263 21.34 -7.46 5.99
N GLY A 264 22.24 -6.57 5.57
CA GLY A 264 21.87 -5.34 4.86
C GLY A 264 21.56 -5.73 3.44
N SER A 265 20.27 -5.92 3.17
CA SER A 265 19.79 -6.54 1.96
C SER A 265 19.34 -5.46 0.97
N GLY A 266 20.27 -5.01 0.13
CA GLY A 266 19.90 -4.18 -1.01
C GLY A 266 19.78 -5.08 -2.24
N PHE A 267 19.05 -4.58 -3.26
CA PHE A 267 18.89 -5.29 -4.53
C PHE A 267 19.40 -4.46 -5.68
N ASP A 268 20.24 -3.48 -5.39
CA ASP A 268 20.82 -2.62 -6.43
C ASP A 268 21.97 -3.28 -7.21
N ALA A 269 22.36 -4.51 -6.85
CA ALA A 269 23.25 -5.32 -7.71
C ALA A 269 22.48 -6.01 -8.81
N SER A 270 21.16 -5.80 -8.90
CA SER A 270 20.38 -6.49 -9.94
C SER A 270 20.76 -6.03 -11.35
N MET A 271 20.46 -6.93 -12.26
CA MET A 271 20.73 -6.73 -13.68
C MET A 271 20.10 -5.51 -14.26
N LEU A 272 18.99 -5.04 -13.68
CA LEU A 272 18.26 -3.88 -14.24
C LEU A 272 18.38 -2.61 -13.39
N ASP A 273 19.32 -2.57 -12.46
CA ASP A 273 19.40 -1.39 -11.63
C ASP A 273 20.10 -0.21 -12.35
N PRO A 274 19.54 0.99 -12.22
CA PRO A 274 20.26 2.16 -12.82
C PRO A 274 21.47 2.63 -12.02
N LEU A 275 21.57 2.31 -10.72
CA LEU A 275 22.61 2.92 -9.86
C LEU A 275 23.81 2.04 -9.61
N ALA A 276 23.89 0.94 -10.36
CA ALA A 276 25.13 0.19 -10.46
C ALA A 276 25.13 -0.63 -11.75
N ARG A 277 26.23 -1.34 -11.99
CA ARG A 277 26.52 -2.02 -13.25
C ARG A 277 26.64 -3.54 -13.04
N MET A 278 25.96 -4.10 -12.03
CA MET A 278 26.09 -5.50 -11.75
C MET A 278 24.97 -6.30 -12.40
N MET A 279 25.12 -7.62 -12.36
CA MET A 279 24.31 -8.53 -13.17
C MET A 279 23.59 -9.60 -12.39
N VAL A 280 23.30 -9.34 -11.10
CA VAL A 280 22.67 -10.37 -10.27
C VAL A 280 21.20 -10.47 -10.67
N THR A 281 20.67 -11.69 -10.72
CA THR A 281 19.26 -11.89 -10.99
C THR A 281 18.55 -12.34 -9.72
N ALA A 282 17.22 -12.43 -9.77
CA ALA A 282 16.46 -12.89 -8.62
C ALA A 282 16.93 -14.27 -8.16
N ASP A 283 17.28 -15.14 -9.09
CA ASP A 283 17.83 -16.45 -8.71
C ASP A 283 19.17 -16.34 -8.00
N GLY A 284 19.98 -15.34 -8.35
CA GLY A 284 21.20 -15.06 -7.65
C GLY A 284 20.98 -14.64 -6.21
N PHE A 285 20.07 -13.69 -6.02
CA PHE A 285 19.72 -13.27 -4.66
C PHE A 285 19.12 -14.45 -3.88
N ARG A 286 18.30 -15.27 -4.53
CA ARG A 286 17.73 -16.46 -3.91
C ARG A 286 18.84 -17.34 -3.31
N GLN A 287 19.85 -17.60 -4.13
CA GLN A 287 20.95 -18.47 -3.70
C GLN A 287 21.79 -17.83 -2.61
N MET A 288 21.98 -16.52 -2.68
CA MET A 288 22.70 -15.79 -1.63
C MET A 288 21.95 -15.90 -0.31
N ALA A 289 20.64 -15.71 -0.34
CA ALA A 289 19.83 -15.82 0.87
C ALA A 289 19.81 -17.24 1.42
N ARG A 290 19.59 -18.22 0.56
CA ARG A 290 19.59 -19.63 0.99
C ARG A 290 20.90 -19.98 1.73
N ARG A 291 22.03 -19.60 1.13
CA ARG A 291 23.36 -19.87 1.71
C ARG A 291 23.51 -19.22 3.07
N THR A 292 23.06 -17.97 3.21
CA THR A 292 23.24 -17.22 4.45
C THR A 292 22.30 -17.76 5.54
N ILE A 293 21.07 -18.08 5.19
CA ILE A 293 20.12 -18.66 6.14
C ILE A 293 20.63 -20.02 6.63
N ASP A 294 21.14 -20.84 5.71
CA ASP A 294 21.69 -22.16 6.10
C ASP A 294 22.92 -21.99 7.00
N CYS A 295 23.73 -20.98 6.74
CA CYS A 295 24.87 -20.68 7.60
C CYS A 295 24.42 -20.31 9.02
N ALA A 296 23.42 -19.45 9.12
CA ALA A 296 22.85 -19.11 10.41
C ALA A 296 22.36 -20.37 11.13
N ALA A 297 21.72 -21.28 10.41
CA ALA A 297 21.21 -22.52 11.03
C ALA A 297 22.35 -23.32 11.64
N ASP A 298 23.49 -23.33 10.95
CA ASP A 298 24.65 -24.07 11.41
C ASP A 298 25.39 -23.43 12.59
N ILE A 299 25.43 -22.10 12.65
CA ILE A 299 26.33 -21.43 13.61
C ILE A 299 25.68 -20.58 14.69
N CYS A 300 24.44 -20.11 14.51
CA CYS A 300 23.79 -19.27 15.51
C CYS A 300 22.32 -19.54 15.68
N ASP A 301 21.98 -20.83 15.65
CA ASP A 301 20.62 -21.30 15.94
C ASP A 301 19.60 -20.65 15.03
N GLY A 302 20.02 -20.36 13.79
CA GLY A 302 19.11 -19.79 12.80
C GLY A 302 18.82 -18.32 12.94
N ARG A 303 19.51 -17.60 13.82
CA ARG A 303 19.14 -16.21 14.11
C ARG A 303 19.68 -15.29 13.01
N ILE A 304 18.81 -14.95 12.07
CA ILE A 304 19.15 -14.10 10.95
C ILE A 304 18.02 -13.10 10.71
N VAL A 305 18.41 -11.84 10.54
CA VAL A 305 17.47 -10.73 10.30
C VAL A 305 17.95 -10.01 9.04
N PHE A 306 17.06 -9.95 8.07
CA PHE A 306 17.31 -9.15 6.83
C PHE A 306 16.71 -7.76 7.01
N VAL A 307 17.47 -6.72 6.62
CA VAL A 307 17.03 -5.33 6.71
C VAL A 307 17.25 -4.66 5.34
N GLN A 308 16.20 -4.12 4.79
CA GLN A 308 16.27 -3.53 3.44
C GLN A 308 17.25 -2.38 3.37
N GLU A 309 18.15 -2.41 2.37
CA GLU A 309 18.99 -1.26 2.05
C GLU A 309 18.47 -0.71 0.70
N GLY A 310 19.33 -0.58 -0.30
CA GLY A 310 18.94 0.06 -1.57
C GLY A 310 18.35 -0.86 -2.61
N GLY A 311 18.29 -0.32 -3.82
CA GLY A 311 17.61 -0.96 -4.94
C GLY A 311 16.70 0.03 -5.61
N TYR A 312 16.82 0.13 -6.95
CA TYR A 312 16.26 1.26 -7.69
C TYR A 312 15.50 0.87 -8.94
N SER A 313 15.22 -0.41 -9.13
CA SER A 313 14.35 -0.86 -10.24
C SER A 313 12.96 -1.14 -9.70
N PRO A 314 11.99 -0.24 -9.95
CA PRO A 314 10.63 -0.56 -9.52
C PRO A 314 10.04 -1.75 -10.27
N HIS A 315 10.60 -2.03 -11.45
CA HIS A 315 10.17 -3.18 -12.26
C HIS A 315 10.63 -4.50 -11.63
N TYR A 316 11.92 -4.59 -11.32
CA TYR A 316 12.53 -5.87 -11.02
C TYR A 316 12.80 -6.11 -9.54
N LEU A 317 13.09 -5.04 -8.79
CA LEU A 317 13.39 -5.22 -7.37
C LEU A 317 12.33 -6.07 -6.65
N PRO A 318 11.03 -5.87 -6.93
CA PRO A 318 10.06 -6.71 -6.21
C PRO A 318 10.32 -8.20 -6.33
N PHE A 319 10.74 -8.66 -7.50
CA PHE A 319 10.99 -10.08 -7.72
C PHE A 319 12.28 -10.55 -7.07
N CYS A 320 13.26 -9.68 -6.96
CA CYS A 320 14.50 -10.01 -6.25
C CYS A 320 14.19 -10.15 -4.75
N GLY A 321 13.44 -9.19 -4.21
CA GLY A 321 13.03 -9.25 -2.80
C GLY A 321 12.15 -10.46 -2.52
N LEU A 322 11.21 -10.74 -3.43
CA LEU A 322 10.31 -11.87 -3.22
C LEU A 322 11.12 -13.18 -3.15
N ALA A 323 12.16 -13.31 -3.95
CA ALA A 323 13.00 -14.53 -3.92
C ALA A 323 13.60 -14.73 -2.53
N VAL A 324 14.04 -13.64 -1.89
CA VAL A 324 14.58 -13.73 -0.54
C VAL A 324 13.49 -14.13 0.46
N ILE A 325 12.31 -13.50 0.35
CA ILE A 325 11.20 -13.86 1.22
C ILE A 325 10.85 -15.35 1.11
N GLU A 326 10.81 -15.85 -0.12
CA GLU A 326 10.49 -17.27 -0.35
C GLU A 326 11.50 -18.20 0.27
N GLU A 327 12.77 -17.80 0.31
CA GLU A 327 13.79 -18.61 0.98
C GLU A 327 13.61 -18.64 2.50
N LEU A 328 13.07 -17.56 3.05
CA LEU A 328 12.71 -17.52 4.47
C LEU A 328 11.49 -18.38 4.77
N THR A 329 10.43 -18.29 3.97
CA THR A 329 9.19 -19.03 4.22
C THR A 329 9.25 -20.47 3.77
N GLY A 330 10.12 -20.78 2.82
CA GLY A 330 10.15 -22.09 2.15
C GLY A 330 9.01 -22.36 1.19
N VAL A 331 8.25 -21.31 0.83
CA VAL A 331 7.10 -21.45 -0.07
C VAL A 331 7.45 -20.76 -1.38
N ARG A 332 7.70 -21.54 -2.42
CA ARG A 332 8.24 -21.07 -3.68
C ARG A 332 7.17 -21.14 -4.74
N SER A 333 6.31 -20.12 -4.75
CA SER A 333 5.02 -20.17 -5.45
C SER A 333 4.87 -19.23 -6.65
N LEU A 334 5.89 -18.43 -6.98
CA LEU A 334 5.78 -17.50 -8.11
C LEU A 334 7.08 -17.50 -8.92
N PRO A 335 7.00 -17.64 -10.26
CA PRO A 335 8.22 -17.50 -11.07
C PRO A 335 8.70 -16.04 -11.17
N ASP A 336 9.97 -15.87 -11.49
CA ASP A 336 10.51 -14.57 -11.89
C ASP A 336 10.13 -14.40 -13.36
N PRO A 337 9.19 -13.48 -13.67
CA PRO A 337 8.77 -13.33 -15.06
C PRO A 337 9.82 -12.71 -15.99
N TYR A 338 10.91 -12.18 -15.43
CA TYR A 338 12.03 -11.66 -16.21
C TYR A 338 13.10 -12.71 -16.48
N HIS A 339 12.93 -13.93 -15.96
CA HIS A 339 14.02 -14.90 -15.98
C HIS A 339 14.57 -15.12 -17.40
N GLU A 340 13.70 -15.42 -18.36
CA GLU A 340 14.14 -15.70 -19.73
C GLU A 340 14.85 -14.50 -20.34
N PHE A 341 14.24 -13.32 -20.17
CA PHE A 341 14.81 -12.09 -20.67
C PHE A 341 16.24 -11.82 -20.16
N LEU A 342 16.47 -12.06 -18.87
CA LEU A 342 17.77 -11.73 -18.24
C LEU A 342 18.80 -12.85 -18.27
N ALA A 343 18.34 -14.09 -18.31
CA ALA A 343 19.25 -15.25 -18.21
C ALA A 343 20.23 -15.31 -19.37
N GLY A 344 19.84 -14.82 -20.54
CA GLY A 344 20.72 -14.82 -21.69
C GLY A 344 21.77 -13.73 -21.70
N MET A 345 21.64 -12.75 -20.79
CA MET A 345 22.56 -11.61 -20.78
C MET A 345 23.93 -11.87 -20.20
N GLY A 346 24.06 -12.93 -19.42
CA GLY A 346 25.35 -13.30 -18.89
C GLY A 346 25.48 -13.04 -17.41
N GLY A 347 26.72 -12.97 -16.95
CA GLY A 347 27.02 -12.90 -15.53
C GLY A 347 27.17 -14.24 -14.84
N ASN A 348 26.87 -15.33 -15.55
CA ASN A 348 26.84 -16.66 -14.96
C ASN A 348 28.14 -17.44 -15.10
N THR A 349 29.16 -16.80 -15.64
CA THR A 349 30.50 -17.40 -15.74
C THR A 349 31.45 -16.58 -14.90
N LEU A 350 32.25 -17.25 -14.07
CA LEU A 350 33.22 -16.53 -13.26
C LEU A 350 34.39 -16.06 -14.12
N LEU A 351 34.49 -14.76 -14.34
CA LEU A 351 35.58 -14.21 -15.14
C LEU A 351 36.87 -14.13 -14.31
N ASP A 352 38.02 -14.18 -14.99
CA ASP A 352 39.29 -14.11 -14.29
C ASP A 352 39.42 -12.86 -13.39
N ALA A 353 38.98 -11.69 -13.87
CA ALA A 353 39.11 -10.47 -13.08
C ALA A 353 38.20 -10.53 -11.84
N GLU A 354 37.04 -11.17 -11.96
CA GLU A 354 36.11 -11.37 -10.82
C GLU A 354 36.73 -12.31 -9.81
N ARG A 355 37.28 -13.41 -10.29
CA ARG A 355 37.89 -14.42 -9.40
C ARG A 355 39.02 -13.78 -8.62
N ALA A 356 39.85 -13.01 -9.29
CA ALA A 356 41.00 -12.37 -8.69
C ALA A 356 40.60 -11.36 -7.62
N ALA A 357 39.52 -10.61 -7.88
CA ALA A 357 39.05 -9.63 -6.91
C ALA A 357 38.65 -10.29 -5.61
N ILE A 358 38.05 -11.46 -5.71
CA ILE A 358 37.56 -12.20 -4.56
C ILE A 358 38.72 -12.85 -3.84
N GLU A 359 39.66 -13.43 -4.60
CA GLU A 359 40.81 -14.08 -3.99
C GLU A 359 41.69 -13.11 -3.19
N GLU A 360 41.65 -11.82 -3.52
CA GLU A 360 42.36 -10.81 -2.75
C GLU A 360 42.00 -10.81 -1.26
N ILE A 361 40.79 -11.24 -0.94
CA ILE A 361 40.28 -11.14 0.42
C ILE A 361 40.51 -12.42 1.22
N VAL A 362 40.75 -13.54 0.55
CA VAL A 362 40.89 -14.82 1.25
C VAL A 362 41.99 -14.85 2.35
N PRO A 363 43.17 -14.23 2.09
CA PRO A 363 44.19 -14.25 3.15
C PRO A 363 43.83 -13.46 4.41
N LEU A 364 42.81 -12.63 4.33
CA LEU A 364 42.34 -11.84 5.51
C LEU A 364 41.49 -12.66 6.44
N LEU A 365 40.97 -13.79 6.00
CA LEU A 365 40.12 -14.63 6.85
C LEU A 365 40.84 -15.12 8.13
N ALA A 366 42.15 -15.34 8.02
CA ALA A 366 42.90 -15.89 9.16
C ALA A 366 42.99 -14.93 10.33
N ASP A 367 42.74 -13.64 10.09
CA ASP A 367 42.79 -12.64 11.15
C ASP A 367 41.46 -12.46 11.87
N ILE A 368 40.45 -13.22 11.47
CA ILE A 368 39.15 -13.24 12.18
C ILE A 368 39.25 -14.31 13.25
N ARG A 369 39.45 -13.86 14.48
CA ARG A 369 39.55 -14.76 15.63
C ARG A 369 38.29 -14.68 16.50
N HIS B 1 -18.96 -3.82 20.22
CA HIS B 1 -18.31 -2.83 19.29
C HIS B 1 -17.04 -3.44 18.72
N ALA B 2 -17.07 -3.75 17.44
CA ALA B 2 -15.91 -4.22 16.70
C ALA B 2 -16.17 -3.85 15.26
N ILE B 3 -15.25 -3.10 14.66
CA ILE B 3 -15.47 -2.50 13.35
C ILE B 3 -14.59 -3.19 12.34
N GLY B 4 -15.21 -3.86 11.36
CA GLY B 4 -14.48 -4.54 10.30
C GLY B 4 -13.97 -3.58 9.23
N TYR B 5 -12.87 -3.97 8.62
CA TYR B 5 -12.22 -3.15 7.57
C TYR B 5 -11.62 -4.09 6.54
N VAL B 6 -12.01 -3.92 5.27
CA VAL B 6 -11.49 -4.73 4.18
C VAL B 6 -10.64 -3.88 3.25
N TRP B 7 -9.38 -4.27 3.10
CA TRP B 7 -8.51 -3.80 2.01
C TRP B 7 -7.74 -5.02 1.52
N ASN B 8 -7.60 -5.13 0.22
CA ASN B 8 -6.82 -6.18 -0.42
C ASN B 8 -5.88 -5.46 -1.35
N THR B 9 -4.60 -5.85 -1.33
CA THR B 9 -3.59 -5.24 -2.19
C THR B 9 -4.04 -5.10 -3.62
N LEU B 10 -4.73 -6.10 -4.15
CA LEU B 10 -5.10 -6.08 -5.56
C LEU B 10 -6.11 -4.98 -5.90
N TYR B 11 -6.85 -4.51 -4.92
CA TYR B 11 -7.73 -3.33 -5.14
C TYR B 11 -6.92 -2.14 -5.67
N GLY B 12 -5.65 -2.07 -5.29
CA GLY B 12 -4.76 -1.03 -5.78
C GLY B 12 -4.09 -1.31 -7.11
N TRP B 13 -4.30 -2.49 -7.68
CA TRP B 13 -3.65 -2.94 -8.90
C TRP B 13 -4.58 -2.93 -10.12
N VAL B 14 -5.81 -2.42 -9.98
CA VAL B 14 -6.74 -2.39 -11.10
C VAL B 14 -6.10 -1.60 -12.22
N ASP B 15 -6.06 -2.16 -13.40
CA ASP B 15 -5.40 -1.53 -14.52
C ASP B 15 -6.41 -0.70 -15.28
N THR B 16 -6.28 0.60 -15.16
CA THR B 16 -7.18 1.56 -15.78
C THR B 16 -6.65 2.08 -17.10
N GLY B 17 -5.49 1.60 -17.56
CA GLY B 17 -5.02 1.89 -18.91
C GLY B 17 -4.18 3.15 -18.98
N THR B 18 -4.19 3.78 -20.16
CA THR B 18 -3.40 4.97 -20.41
C THR B 18 -4.24 6.13 -20.94
N GLY B 19 -5.56 5.99 -20.95
CA GLY B 19 -6.47 7.08 -21.25
C GLY B 19 -6.89 7.85 -20.03
N SER B 20 -7.69 8.88 -20.29
CA SER B 20 -8.25 9.74 -19.23
C SER B 20 -9.58 9.22 -18.69
N LEU B 21 -10.41 8.76 -19.61
CA LEU B 21 -11.77 8.33 -19.31
C LEU B 21 -12.06 7.19 -20.29
N ALA B 22 -12.17 7.51 -21.56
CA ALA B 22 -12.05 6.51 -22.61
C ALA B 22 -10.57 6.25 -22.80
N ALA B 23 -10.24 5.29 -23.66
CA ALA B 23 -8.85 5.00 -23.97
C ALA B 23 -8.17 6.23 -24.62
N ALA B 24 -6.86 6.25 -24.57
CA ALA B 24 -6.11 7.21 -25.36
C ALA B 24 -6.45 6.91 -26.82
N ASN B 25 -6.47 7.94 -27.63
CA ASN B 25 -6.83 7.76 -29.04
C ASN B 25 -6.13 8.81 -29.85
N LEU B 26 -5.25 8.37 -30.75
CA LEU B 26 -4.41 9.29 -31.47
C LEU B 26 -5.18 10.12 -32.49
N THR B 27 -6.13 9.52 -33.19
CA THR B 27 -6.89 10.28 -34.18
C THR B 27 -7.72 11.39 -33.53
N ALA B 28 -8.21 11.14 -32.32
CA ALA B 28 -8.96 12.12 -31.56
C ALA B 28 -8.03 13.12 -30.86
N ARG B 29 -6.74 12.82 -30.88
CA ARG B 29 -5.70 13.60 -30.18
C ARG B 29 -5.90 13.65 -28.67
N MET B 30 -6.35 12.53 -28.12
CA MET B 30 -6.39 12.33 -26.67
C MET B 30 -5.04 11.71 -26.29
N GLN B 31 -4.18 12.55 -25.72
CA GLN B 31 -2.81 12.18 -25.39
C GLN B 31 -2.81 11.17 -24.26
N PRO B 32 -1.97 10.14 -24.31
CA PRO B 32 -1.88 9.27 -23.12
C PRO B 32 -1.51 10.00 -21.84
N ILE B 33 -1.94 9.45 -20.71
CA ILE B 33 -1.65 10.06 -19.43
C ILE B 33 -1.39 8.94 -18.38
N SER B 34 -0.59 9.24 -17.38
CA SER B 34 -0.21 8.21 -16.39
C SER B 34 -1.40 7.74 -15.54
N HIS B 35 -2.22 8.70 -15.12
CA HIS B 35 -3.33 8.43 -14.25
C HIS B 35 -4.65 8.74 -14.90
N HIS B 36 -5.35 7.66 -15.29
CA HIS B 36 -6.75 7.72 -15.66
C HIS B 36 -7.55 8.37 -14.49
N LEU B 37 -8.65 9.01 -14.81
CA LEU B 37 -9.48 9.59 -13.75
C LEU B 37 -9.78 8.60 -12.60
N ALA B 38 -10.04 7.36 -12.97
CA ALA B 38 -10.37 6.27 -12.04
C ALA B 38 -9.19 5.42 -11.57
N HIS B 39 -7.97 5.91 -11.74
CA HIS B 39 -6.78 5.19 -11.30
C HIS B 39 -6.91 4.74 -9.83
N PRO B 40 -6.44 3.51 -9.51
CA PRO B 40 -6.59 3.00 -8.15
C PRO B 40 -5.84 3.73 -7.03
N ASP B 41 -4.91 4.62 -7.39
CA ASP B 41 -4.16 5.35 -6.38
C ASP B 41 -5.09 6.15 -5.45
N THR B 42 -6.20 6.65 -5.96
CA THR B 42 -7.09 7.46 -5.13
C THR B 42 -7.57 6.67 -3.91
N LYS B 43 -8.06 5.47 -4.17
CA LYS B 43 -8.54 4.60 -3.09
C LYS B 43 -7.37 4.06 -2.26
N ARG B 44 -6.24 3.76 -2.89
CA ARG B 44 -5.11 3.31 -2.11
C ARG B 44 -4.62 4.37 -1.13
N ARG B 45 -4.64 5.66 -1.52
CA ARG B 45 -4.30 6.75 -0.61
C ARG B 45 -5.23 6.84 0.58
N PHE B 46 -6.49 6.52 0.36
CA PHE B 46 -7.44 6.38 1.47
C PHE B 46 -6.98 5.25 2.43
N HIS B 47 -6.73 4.06 1.89
CA HIS B 47 -6.22 2.97 2.73
C HIS B 47 -4.96 3.38 3.51
N GLU B 48 -4.02 4.01 2.82
CA GLU B 48 -2.77 4.36 3.45
C GLU B 48 -2.98 5.37 4.55
N LEU B 49 -3.94 6.29 4.37
CA LEU B 49 -4.29 7.23 5.44
C LEU B 49 -4.96 6.54 6.65
N VAL B 50 -5.82 5.56 6.38
CA VAL B 50 -6.40 4.75 7.46
C VAL B 50 -5.29 4.14 8.33
N CYS B 51 -4.24 3.65 7.68
CA CYS B 51 -3.12 3.08 8.40
C CYS B 51 -2.27 4.16 9.09
N ALA B 52 -1.87 5.18 8.35
CA ALA B 52 -0.93 6.17 8.88
C ALA B 52 -1.51 7.05 9.96
N SER B 53 -2.82 7.25 9.91
CA SER B 53 -3.54 8.03 10.93
C SER B 53 -3.65 7.28 12.26
N GLY B 54 -3.38 5.99 12.24
CA GLY B 54 -3.61 5.13 13.40
C GLY B 54 -5.01 4.56 13.52
N GLN B 55 -5.91 4.86 12.58
CA GLN B 55 -7.24 4.24 12.63
C GLN B 55 -7.19 2.75 12.50
N ILE B 56 -6.21 2.22 11.74
CA ILE B 56 -6.13 0.76 11.54
C ILE B 56 -6.02 -0.01 12.88
N GLU B 57 -5.41 0.61 13.89
CA GLU B 57 -5.30 0.00 15.21
C GLU B 57 -6.65 -0.20 15.91
N HIS B 58 -7.67 0.56 15.52
CA HIS B 58 -9.02 0.48 16.07
C HIS B 58 -9.97 -0.32 15.21
N LEU B 59 -9.45 -0.92 14.15
CA LEU B 59 -10.25 -1.71 13.21
C LEU B 59 -9.85 -3.17 13.28
N THR B 60 -10.78 -4.03 12.93
CA THR B 60 -10.54 -5.46 12.81
C THR B 60 -10.38 -5.77 11.33
N PRO B 61 -9.16 -6.08 10.88
CA PRO B 61 -9.00 -6.37 9.46
C PRO B 61 -9.70 -7.66 9.07
N ILE B 62 -10.43 -7.61 7.97
CA ILE B 62 -11.22 -8.71 7.46
C ILE B 62 -10.73 -8.99 6.05
N ALA B 63 -10.32 -10.23 5.83
CA ALA B 63 -9.79 -10.61 4.52
C ALA B 63 -10.92 -10.75 3.52
N ALA B 64 -10.73 -10.21 2.33
CA ALA B 64 -11.65 -10.50 1.25
C ALA B 64 -11.57 -11.98 0.89
N VAL B 65 -12.71 -12.53 0.55
CA VAL B 65 -12.81 -13.89 0.02
C VAL B 65 -13.46 -13.74 -1.35
N ALA B 66 -12.85 -14.31 -2.38
CA ALA B 66 -13.36 -14.18 -3.76
C ALA B 66 -14.83 -14.59 -3.85
N ALA B 67 -15.64 -13.73 -4.46
CA ALA B 67 -17.01 -14.05 -4.74
C ALA B 67 -17.07 -15.24 -5.71
N THR B 68 -17.91 -16.21 -5.37
CA THR B 68 -18.12 -17.37 -6.23
C THR B 68 -19.08 -17.03 -7.35
N ASP B 69 -19.16 -17.89 -8.34
CA ASP B 69 -20.19 -17.75 -9.37
C ASP B 69 -21.58 -17.66 -8.73
N ALA B 70 -21.86 -18.52 -7.75
CA ALA B 70 -23.15 -18.48 -7.08
C ALA B 70 -23.43 -17.13 -6.41
N ASP B 71 -22.41 -16.55 -5.77
CA ASP B 71 -22.56 -15.21 -5.19
C ASP B 71 -22.93 -14.17 -6.26
N ILE B 72 -22.21 -14.21 -7.37
CA ILE B 72 -22.39 -13.23 -8.43
C ILE B 72 -23.78 -13.37 -9.08
N LEU B 73 -24.22 -14.62 -9.25
CA LEU B 73 -25.51 -14.86 -9.90
C LEU B 73 -26.72 -14.42 -9.08
N ARG B 74 -26.55 -14.09 -7.79
CA ARG B 74 -27.64 -13.47 -7.04
C ARG B 74 -27.92 -12.02 -7.44
N ALA B 75 -26.98 -11.39 -8.14
CA ALA B 75 -27.11 -10.01 -8.61
C ALA B 75 -27.08 -9.87 -10.12
N HIS B 76 -26.51 -10.85 -10.82
CA HIS B 76 -26.25 -10.75 -12.24
C HIS B 76 -26.68 -11.97 -13.03
N SER B 77 -26.82 -11.77 -14.32
CA SER B 77 -27.16 -12.86 -15.23
C SER B 77 -25.95 -13.77 -15.50
N ALA B 78 -26.24 -15.02 -15.87
CA ALA B 78 -25.19 -15.93 -16.27
C ALA B 78 -24.47 -15.41 -17.48
N ALA B 79 -25.18 -14.77 -18.42
CA ALA B 79 -24.50 -14.23 -19.59
C ALA B 79 -23.48 -13.15 -19.24
N HIS B 80 -23.82 -12.28 -18.29
CA HIS B 80 -22.88 -11.26 -17.83
C HIS B 80 -21.62 -11.87 -17.18
N LEU B 81 -21.82 -12.82 -16.29
CA LEU B 81 -20.68 -13.50 -15.66
C LEU B 81 -19.79 -14.15 -16.73
N GLU B 82 -20.41 -14.85 -17.68
CA GLU B 82 -19.61 -15.51 -18.72
C GLU B 82 -18.89 -14.52 -19.62
N ASN B 83 -19.51 -13.38 -19.91
CA ASN B 83 -18.82 -12.33 -20.65
C ASN B 83 -17.62 -11.76 -19.90
N MET B 84 -17.74 -11.60 -18.58
CA MET B 84 -16.60 -11.09 -17.80
C MET B 84 -15.45 -12.10 -17.74
N LYS B 85 -15.79 -13.39 -17.69
CA LYS B 85 -14.77 -14.44 -17.82
C LYS B 85 -14.06 -14.35 -19.16
N ARG B 86 -14.84 -14.17 -20.22
CA ARG B 86 -14.30 -14.06 -21.58
C ARG B 86 -13.33 -12.89 -21.74
N VAL B 87 -13.76 -11.71 -21.30
CA VAL B 87 -12.96 -10.50 -21.39
C VAL B 87 -11.67 -10.60 -20.57
N SER B 88 -11.80 -11.17 -19.38
CA SER B 88 -10.67 -11.30 -18.48
C SER B 88 -9.60 -12.26 -19.06
N ASN B 89 -10.05 -13.26 -19.82
CA ASN B 89 -9.17 -14.24 -20.52
C ASN B 89 -8.49 -13.76 -21.79
N LEU B 90 -8.93 -12.63 -22.36
CA LEU B 90 -8.24 -12.03 -23.51
C LEU B 90 -6.83 -11.59 -23.10
N PRO B 91 -5.82 -11.77 -23.99
CA PRO B 91 -4.44 -11.53 -23.55
C PRO B 91 -4.13 -10.12 -23.03
N THR B 92 -4.79 -9.10 -23.57
CA THR B 92 -4.61 -7.71 -23.12
C THR B 92 -5.76 -7.23 -22.20
N GLY B 93 -6.75 -8.11 -21.97
CA GLY B 93 -8.05 -7.71 -21.45
C GLY B 93 -8.90 -7.19 -22.60
N GLY B 94 -9.81 -6.26 -22.30
CA GLY B 94 -10.63 -5.67 -23.34
C GLY B 94 -11.89 -4.94 -22.90
N ASP B 95 -12.76 -4.72 -23.89
CA ASP B 95 -14.02 -3.97 -23.73
C ASP B 95 -15.01 -4.78 -22.88
N THR B 96 -15.40 -4.21 -21.74
CA THR B 96 -16.40 -4.86 -20.87
C THR B 96 -17.85 -4.69 -21.35
N GLY B 97 -18.11 -3.85 -22.37
CA GLY B 97 -19.44 -3.77 -23.00
C GLY B 97 -19.78 -2.40 -23.56
N ASP B 98 -19.50 -1.36 -22.78
CA ASP B 98 -19.95 0.00 -23.11
C ASP B 98 -19.04 0.74 -24.09
N GLY B 99 -17.85 0.21 -24.35
CA GLY B 99 -16.90 0.84 -25.26
C GLY B 99 -16.03 1.91 -24.63
N ILE B 100 -16.33 2.31 -23.39
CA ILE B 100 -15.56 3.33 -22.69
C ILE B 100 -14.59 2.63 -21.75
N ALA B 101 -15.17 1.89 -20.80
CA ALA B 101 -14.41 1.24 -19.74
C ALA B 101 -13.86 -0.10 -20.21
N MET B 102 -12.54 -0.26 -20.08
N MET B 102 -12.54 -0.29 -20.10
CA MET B 102 -11.85 -1.52 -20.35
CA MET B 102 -11.90 -1.57 -20.42
C MET B 102 -11.63 -2.27 -19.06
C MET B 102 -11.55 -2.26 -19.10
N MET B 103 -11.36 -3.57 -19.17
CA MET B 103 -10.88 -4.36 -18.02
C MET B 103 -9.58 -5.03 -18.44
N GLY B 104 -8.57 -4.91 -17.59
CA GLY B 104 -7.26 -5.52 -17.82
C GLY B 104 -7.27 -7.05 -17.76
N ASN B 105 -6.22 -7.67 -18.30
CA ASN B 105 -6.15 -9.14 -18.36
C ASN B 105 -6.11 -9.71 -16.92
N GLY B 106 -6.80 -10.85 -16.72
CA GLY B 106 -7.01 -11.43 -15.38
C GLY B 106 -7.81 -10.59 -14.39
N GLY B 107 -8.36 -9.46 -14.84
CA GLY B 107 -9.06 -8.52 -13.96
C GLY B 107 -10.27 -9.08 -13.23
N LEU B 108 -10.81 -10.20 -13.71
CA LEU B 108 -11.92 -10.85 -13.02
C LEU B 108 -11.51 -11.24 -11.60
N GLU B 109 -10.23 -11.57 -11.39
CA GLU B 109 -9.78 -11.94 -10.05
C GLU B 109 -10.03 -10.79 -9.08
N ILE B 110 -9.74 -9.56 -9.54
CA ILE B 110 -9.93 -8.40 -8.66
C ILE B 110 -11.43 -8.10 -8.50
N ALA B 111 -12.20 -8.20 -9.58
CA ALA B 111 -13.66 -8.01 -9.46
C ALA B 111 -14.30 -8.99 -8.46
N ARG B 112 -13.86 -10.25 -8.48
CA ARG B 112 -14.38 -11.22 -7.49
C ARG B 112 -13.98 -10.84 -6.08
N LEU B 113 -12.74 -10.35 -5.87
CA LEU B 113 -12.30 -9.94 -4.55
C LEU B 113 -13.01 -8.70 -4.04
N SER B 114 -13.37 -7.80 -4.96
CA SER B 114 -14.11 -6.62 -4.61
C SER B 114 -15.53 -7.00 -4.13
N ALA B 115 -16.26 -7.77 -4.94
CA ALA B 115 -17.59 -8.21 -4.52
C ALA B 115 -17.51 -9.07 -3.25
N GLY B 116 -16.50 -9.94 -3.21
CA GLY B 116 -16.31 -10.83 -2.09
C GLY B 116 -15.93 -10.15 -0.80
N GLY B 117 -15.27 -9.00 -0.89
CA GLY B 117 -14.98 -8.20 0.27
C GLY B 117 -16.25 -7.63 0.90
N ALA B 118 -17.16 -7.17 0.05
CA ALA B 118 -18.46 -6.72 0.51
C ALA B 118 -19.26 -7.86 1.16
N VAL B 119 -19.24 -9.03 0.53
CA VAL B 119 -19.97 -10.19 1.06
C VAL B 119 -19.40 -10.59 2.44
N GLU B 120 -18.08 -10.71 2.52
CA GLU B 120 -17.43 -11.15 3.76
C GLU B 120 -17.73 -10.22 4.91
N LEU B 121 -17.64 -8.91 4.65
CA LEU B 121 -17.98 -7.97 5.68
C LEU B 121 -19.47 -8.03 6.10
N THR B 122 -20.36 -8.18 5.11
CA THR B 122 -21.77 -8.33 5.37
C THR B 122 -22.05 -9.56 6.25
N ARG B 123 -21.42 -10.68 5.91
CA ARG B 123 -21.58 -11.93 6.69
C ARG B 123 -21.20 -11.72 8.13
N ARG B 124 -20.06 -11.07 8.35
CA ARG B 124 -19.49 -10.96 9.70
C ARG B 124 -20.19 -9.90 10.55
N VAL B 125 -20.78 -8.90 9.91
CA VAL B 125 -21.65 -7.95 10.62
C VAL B 125 -23.00 -8.60 10.94
N ALA B 126 -23.56 -9.30 9.97
CA ALA B 126 -24.91 -9.87 10.17
C ALA B 126 -24.94 -10.91 11.31
N THR B 127 -23.85 -11.68 11.49
CA THR B 127 -23.75 -12.68 12.61
C THR B 127 -23.59 -12.08 13.99
N GLY B 128 -23.16 -10.83 14.05
CA GLY B 128 -22.82 -10.20 15.30
C GLY B 128 -21.37 -10.30 15.72
N GLU B 129 -20.52 -10.95 14.91
CA GLU B 129 -19.08 -10.90 15.15
C GLU B 129 -18.56 -9.47 15.16
N LEU B 130 -19.03 -8.70 14.19
CA LEU B 130 -18.70 -7.30 14.08
C LEU B 130 -19.97 -6.51 14.25
N SER B 131 -19.85 -5.29 14.75
CA SER B 131 -21.00 -4.41 14.86
C SER B 131 -21.27 -3.63 13.57
N ALA B 132 -20.21 -3.39 12.81
CA ALA B 132 -20.31 -2.57 11.56
C ALA B 132 -18.98 -2.67 10.84
N GLY B 133 -18.89 -2.08 9.64
CA GLY B 133 -17.58 -2.05 9.00
C GLY B 133 -17.55 -1.25 7.72
N TYR B 134 -16.33 -1.16 7.17
CA TYR B 134 -16.08 -0.45 5.90
C TYR B 134 -15.28 -1.37 4.99
N ALA B 135 -15.80 -1.65 3.80
CA ALA B 135 -15.12 -2.45 2.80
C ALA B 135 -14.59 -1.49 1.74
N LEU B 136 -13.29 -1.27 1.74
CA LEU B 136 -12.64 -0.30 0.85
C LEU B 136 -12.27 -1.01 -0.42
N VAL B 137 -13.29 -1.37 -1.20
CA VAL B 137 -13.13 -2.20 -2.38
C VAL B 137 -12.87 -1.40 -3.65
N ASN B 138 -12.35 -2.11 -4.67
CA ASN B 138 -12.16 -1.53 -6.01
C ASN B 138 -11.97 -2.75 -6.91
N PRO B 139 -12.61 -2.89 -8.06
CA PRO B 139 -13.47 -1.92 -8.71
C PRO B 139 -14.84 -1.69 -8.06
N PRO B 140 -15.45 -0.55 -8.34
CA PRO B 140 -16.77 -0.18 -7.80
C PRO B 140 -17.89 -0.96 -8.43
N GLY B 141 -19.11 -0.72 -7.95
CA GLY B 141 -20.23 -1.57 -8.30
C GLY B 141 -21.52 -0.98 -8.83
N HIS B 142 -21.88 0.21 -8.40
CA HIS B 142 -23.31 0.59 -8.47
C HIS B 142 -23.91 0.88 -9.85
N HIS B 143 -23.09 1.05 -10.86
CA HIS B 143 -23.58 1.20 -12.23
C HIS B 143 -23.84 -0.12 -12.95
N ALA B 144 -23.31 -1.24 -12.46
CA ALA B 144 -23.48 -2.51 -13.17
C ALA B 144 -24.90 -3.01 -12.93
N PRO B 145 -25.73 -3.06 -13.99
CA PRO B 145 -27.09 -3.63 -13.84
C PRO B 145 -27.04 -5.15 -13.92
N HIS B 146 -28.19 -5.79 -13.94
CA HIS B 146 -28.22 -7.26 -13.89
C HIS B 146 -27.40 -7.91 -15.02
N ASN B 147 -27.51 -7.36 -16.23
CA ASN B 147 -26.98 -7.99 -17.44
C ASN B 147 -25.75 -7.34 -18.06
N ALA B 148 -25.05 -6.45 -17.36
CA ALA B 148 -23.95 -5.74 -17.99
C ALA B 148 -22.99 -5.12 -16.99
N ALA B 149 -21.80 -4.78 -17.50
CA ALA B 149 -20.86 -3.86 -16.85
C ALA B 149 -21.07 -2.46 -17.38
N MET B 150 -20.82 -1.46 -16.56
CA MET B 150 -21.00 -0.06 -16.95
C MET B 150 -20.26 0.82 -15.97
N GLY B 151 -19.78 1.97 -16.45
CA GLY B 151 -19.33 3.03 -15.53
C GLY B 151 -18.23 2.62 -14.55
N PHE B 152 -17.24 1.91 -15.08
CA PHE B 152 -16.08 1.39 -14.30
C PHE B 152 -16.44 0.19 -13.42
N CYS B 153 -17.68 -0.26 -13.45
CA CYS B 153 -18.16 -1.32 -12.56
C CYS B 153 -18.30 -2.63 -13.31
N ILE B 154 -17.77 -3.70 -12.74
CA ILE B 154 -17.86 -5.03 -13.31
C ILE B 154 -19.00 -5.80 -12.71
N PHE B 155 -19.00 -5.91 -11.38
CA PHE B 155 -20.12 -6.48 -10.63
C PHE B 155 -20.63 -5.50 -9.62
N ASN B 156 -21.91 -5.58 -9.32
CA ASN B 156 -22.54 -4.69 -8.40
C ASN B 156 -22.33 -5.20 -6.98
N ASN B 157 -21.23 -4.76 -6.38
CA ASN B 157 -20.78 -5.25 -5.10
C ASN B 157 -21.84 -5.18 -4.00
N THR B 158 -22.54 -4.05 -3.88
CA THR B 158 -23.51 -3.93 -2.83
C THR B 158 -24.70 -4.86 -3.09
N SER B 159 -25.05 -5.08 -4.36
CA SER B 159 -26.15 -5.98 -4.70
C SER B 159 -25.76 -7.45 -4.51
N VAL B 160 -24.50 -7.79 -4.77
CA VAL B 160 -24.00 -9.13 -4.45
C VAL B 160 -24.11 -9.35 -2.93
N ALA B 161 -23.71 -8.35 -2.14
CA ALA B 161 -23.83 -8.43 -0.69
C ALA B 161 -25.31 -8.52 -0.24
N ALA B 162 -26.18 -7.70 -0.80
CA ALA B 162 -27.59 -7.76 -0.43
C ALA B 162 -28.21 -9.12 -0.83
N GLY B 163 -27.83 -9.63 -1.99
CA GLY B 163 -28.32 -10.93 -2.45
C GLY B 163 -27.91 -12.04 -1.50
N TYR B 164 -26.70 -11.95 -0.96
CA TYR B 164 -26.20 -12.89 0.03
C TYR B 164 -27.00 -12.78 1.32
N ALA B 165 -27.23 -11.57 1.80
CA ALA B 165 -28.00 -11.35 3.03
C ALA B 165 -29.42 -11.91 2.89
N ARG B 166 -30.02 -11.76 1.71
CA ARG B 166 -31.36 -12.26 1.44
C ARG B 166 -31.36 -13.80 1.37
N ALA B 167 -30.54 -14.37 0.50
CA ALA B 167 -30.61 -15.81 0.17
C ALA B 167 -29.91 -16.72 1.17
N VAL B 168 -28.76 -16.30 1.68
CA VAL B 168 -27.93 -17.13 2.57
C VAL B 168 -28.26 -16.84 4.03
N LEU B 169 -28.41 -15.58 4.39
CA LEU B 169 -28.72 -15.22 5.77
C LEU B 169 -30.23 -15.13 6.02
N GLY B 170 -31.06 -15.24 4.98
CA GLY B 170 -32.51 -15.23 5.14
C GLY B 170 -33.12 -13.93 5.62
N MET B 171 -32.42 -12.79 5.46
CA MET B 171 -33.04 -11.52 5.82
C MET B 171 -34.15 -11.23 4.85
N GLU B 172 -35.28 -10.75 5.37
CA GLU B 172 -36.43 -10.43 4.55
C GLU B 172 -36.39 -9.03 3.93
N ARG B 173 -35.66 -8.11 4.55
CA ARG B 173 -35.58 -6.71 4.09
C ARG B 173 -34.16 -6.20 4.25
N VAL B 174 -33.59 -5.65 3.17
CA VAL B 174 -32.26 -5.05 3.18
C VAL B 174 -32.42 -3.69 2.49
N ALA B 175 -31.66 -2.70 2.96
CA ALA B 175 -31.63 -1.38 2.28
C ALA B 175 -30.23 -1.09 1.77
N ILE B 176 -30.17 -0.54 0.55
CA ILE B 176 -28.90 -0.05 0.00
C ILE B 176 -29.07 1.46 -0.17
N LEU B 177 -28.27 2.22 0.55
CA LEU B 177 -28.24 3.70 0.48
C LEU B 177 -26.97 4.11 -0.27
N ASP B 178 -27.13 4.74 -1.43
CA ASP B 178 -26.00 5.06 -2.32
C ASP B 178 -25.84 6.58 -2.42
N TRP B 179 -24.79 7.08 -1.74
CA TRP B 179 -24.47 8.51 -1.78
C TRP B 179 -23.28 8.86 -2.65
N ASP B 180 -22.77 7.91 -3.43
CA ASP B 180 -21.94 8.25 -4.58
C ASP B 180 -22.71 9.32 -5.37
N VAL B 181 -22.00 10.29 -5.94
CA VAL B 181 -22.64 11.42 -6.60
C VAL B 181 -23.36 11.08 -7.91
N HIS B 182 -23.07 9.90 -8.46
CA HIS B 182 -23.68 9.42 -9.68
C HIS B 182 -24.82 8.45 -9.35
N HIS B 183 -25.81 8.43 -10.24
CA HIS B 183 -27.00 7.60 -10.01
C HIS B 183 -26.63 6.11 -9.97
N GLY B 184 -27.09 5.42 -8.91
CA GLY B 184 -26.94 3.96 -8.81
C GLY B 184 -27.90 3.23 -9.73
N ASN B 185 -27.76 3.42 -11.03
CA ASN B 185 -28.64 2.80 -12.03
C ASN B 185 -28.58 1.28 -12.01
N GLY B 186 -27.41 0.73 -11.70
CA GLY B 186 -27.25 -0.72 -11.72
C GLY B 186 -28.06 -1.37 -10.60
N THR B 187 -27.92 -0.81 -9.42
CA THR B 187 -28.63 -1.26 -8.23
C THR B 187 -30.14 -1.11 -8.41
N GLN B 188 -30.55 0.02 -8.97
CA GLN B 188 -31.93 0.26 -9.29
C GLN B 188 -32.49 -0.84 -10.20
N ASP B 189 -31.74 -1.15 -11.26
CA ASP B 189 -32.13 -2.18 -12.24
C ASP B 189 -32.28 -3.56 -11.58
N ILE B 190 -31.29 -3.93 -10.77
CA ILE B 190 -31.26 -5.29 -10.21
C ILE B 190 -32.47 -5.54 -9.35
N TRP B 191 -32.84 -4.57 -8.52
CA TRP B 191 -33.92 -4.76 -7.54
C TRP B 191 -35.23 -4.07 -7.93
N TRP B 192 -35.36 -3.72 -9.22
CA TRP B 192 -36.49 -2.94 -9.74
C TRP B 192 -37.85 -3.53 -9.39
N ASN B 193 -37.98 -4.85 -9.53
CA ASN B 193 -39.27 -5.53 -9.29
C ASN B 193 -39.39 -6.12 -7.89
N ASP B 194 -38.46 -5.77 -7.00
CA ASP B 194 -38.26 -6.48 -5.74
C ASP B 194 -38.34 -5.56 -4.52
N PRO B 195 -39.42 -5.73 -3.72
CA PRO B 195 -39.57 -4.91 -2.51
C PRO B 195 -38.72 -5.31 -1.32
N SER B 196 -38.00 -6.44 -1.45
CA SER B 196 -37.18 -6.92 -0.34
C SER B 196 -35.80 -6.26 -0.26
N VAL B 197 -35.47 -5.45 -1.27
CA VAL B 197 -34.29 -4.61 -1.21
C VAL B 197 -34.72 -3.17 -1.59
N LEU B 198 -34.74 -2.32 -0.58
CA LEU B 198 -35.02 -0.90 -0.78
C LEU B 198 -33.76 -0.24 -1.32
N THR B 199 -33.88 0.41 -2.47
CA THR B 199 -32.71 1.06 -3.11
C THR B 199 -32.92 2.56 -3.12
N ILE B 200 -31.98 3.26 -2.50
CA ILE B 200 -32.02 4.73 -2.41
C ILE B 200 -30.72 5.29 -3.05
N SER B 201 -30.89 6.26 -3.94
CA SER B 201 -29.76 6.94 -4.56
C SER B 201 -29.89 8.45 -4.44
N LEU B 202 -28.90 9.09 -3.79
CA LEU B 202 -28.73 10.56 -3.83
C LEU B 202 -27.69 10.80 -4.90
N HIS B 203 -27.91 11.79 -5.74
CA HIS B 203 -26.98 11.99 -6.85
C HIS B 203 -27.18 13.35 -7.48
N GLN B 204 -26.15 13.81 -8.18
CA GLN B 204 -26.27 14.98 -9.03
C GLN B 204 -27.16 14.62 -10.23
N HIS B 205 -28.21 15.40 -10.44
CA HIS B 205 -29.15 15.13 -11.51
C HIS B 205 -28.47 15.04 -12.89
N LEU B 206 -28.64 13.89 -13.54
CA LEU B 206 -28.13 13.62 -14.88
C LEU B 206 -26.61 13.72 -15.06
N CYS B 207 -25.87 13.50 -13.98
CA CYS B 207 -24.41 13.49 -14.08
C CYS B 207 -23.93 12.22 -14.79
N PHE B 208 -24.23 11.05 -14.24
CA PHE B 208 -24.02 9.81 -14.94
C PHE B 208 -24.87 8.71 -14.31
N PRO B 209 -25.59 7.89 -15.08
CA PRO B 209 -25.74 7.97 -16.54
C PRO B 209 -26.56 9.16 -17.01
N PRO B 210 -26.53 9.44 -18.32
CA PRO B 210 -27.20 10.66 -18.81
C PRO B 210 -28.73 10.72 -18.81
N ASP B 211 -29.34 9.56 -18.71
N ASP B 211 -29.45 9.65 -18.78
CA ASP B 211 -30.79 9.47 -19.01
CA ASP B 211 -30.93 9.88 -18.88
C ASP B 211 -31.53 8.85 -17.87
C ASP B 211 -31.55 8.95 -17.90
N SER B 212 -31.07 9.07 -16.65
CA SER B 212 -31.31 8.17 -15.60
C SER B 212 -31.39 8.88 -14.25
N GLY B 213 -32.11 8.34 -13.27
CA GLY B 213 -32.10 8.86 -11.91
C GLY B 213 -33.20 9.83 -11.57
N TYR B 214 -34.19 9.91 -12.43
CA TYR B 214 -35.37 10.78 -12.16
C TYR B 214 -36.19 10.23 -10.99
N SER B 215 -36.86 11.13 -10.29
CA SER B 215 -37.72 10.80 -9.16
C SER B 215 -38.90 9.89 -9.57
N THR B 216 -39.25 9.88 -10.85
CA THR B 216 -40.32 9.02 -11.38
C THR B 216 -39.95 7.55 -11.56
N GLU B 217 -38.67 7.22 -11.38
CA GLU B 217 -38.19 5.85 -11.45
C GLU B 217 -38.35 5.22 -10.08
N ARG B 218 -39.43 4.43 -9.92
CA ARG B 218 -39.90 4.03 -8.60
C ARG B 218 -40.03 2.51 -8.42
N GLY B 219 -39.55 1.74 -9.37
CA GLY B 219 -39.70 0.29 -9.36
C GLY B 219 -40.94 -0.13 -10.13
N ALA B 220 -41.21 -1.43 -10.12
CA ALA B 220 -42.36 -2.00 -10.85
C ALA B 220 -42.90 -3.22 -10.13
N GLY B 221 -44.16 -3.52 -10.43
CA GLY B 221 -44.85 -4.66 -9.80
C GLY B 221 -44.85 -4.56 -8.30
N ASN B 222 -44.50 -5.67 -7.65
CA ASN B 222 -44.40 -5.67 -6.19
C ASN B 222 -43.30 -4.74 -5.65
N GLY B 223 -42.37 -4.38 -6.51
CA GLY B 223 -41.29 -3.46 -6.18
C GLY B 223 -41.66 -1.99 -6.34
N HIS B 224 -42.87 -1.68 -6.82
CA HIS B 224 -43.24 -0.28 -6.99
C HIS B 224 -43.30 0.44 -5.67
N GLY B 225 -42.56 1.54 -5.57
CA GLY B 225 -42.40 2.24 -4.30
C GLY B 225 -41.13 1.95 -3.49
N TYR B 226 -40.30 1.00 -3.95
CA TYR B 226 -39.13 0.54 -3.19
C TYR B 226 -37.79 0.84 -3.90
N ASN B 227 -37.89 1.84 -4.80
CA ASN B 227 -36.73 2.52 -5.35
C ASN B 227 -36.97 4.02 -5.21
N ILE B 228 -35.99 4.72 -4.63
CA ILE B 228 -36.12 6.15 -4.33
C ILE B 228 -34.88 6.88 -4.86
N ASN B 229 -35.10 7.74 -5.86
CA ASN B 229 -34.05 8.60 -6.38
C ASN B 229 -34.21 10.00 -5.85
N VAL B 230 -33.10 10.62 -5.45
CA VAL B 230 -33.08 12.00 -4.97
C VAL B 230 -32.06 12.77 -5.82
N PRO B 231 -32.45 13.16 -7.02
CA PRO B 231 -31.59 13.98 -7.85
C PRO B 231 -31.46 15.37 -7.30
N LEU B 232 -30.23 15.87 -7.23
CA LEU B 232 -29.92 17.18 -6.64
C LEU B 232 -29.21 18.04 -7.68
N PRO B 233 -29.33 19.36 -7.55
CA PRO B 233 -28.71 20.22 -8.58
C PRO B 233 -27.20 20.35 -8.37
N PRO B 234 -26.46 20.55 -9.48
CA PRO B 234 -25.06 20.93 -9.39
C PRO B 234 -24.86 22.07 -8.38
N GLY B 235 -23.78 22.01 -7.64
CA GLY B 235 -23.49 23.01 -6.62
C GLY B 235 -24.04 22.73 -5.21
N SER B 236 -24.83 21.66 -5.07
CA SER B 236 -25.33 21.25 -3.76
C SER B 236 -24.20 20.87 -2.85
N GLY B 237 -24.28 21.32 -1.60
CA GLY B 237 -23.25 21.03 -0.61
C GLY B 237 -23.77 20.41 0.67
N ASN B 238 -23.07 20.67 1.77
CA ASN B 238 -23.43 20.01 3.02
C ASN B 238 -24.86 20.27 3.41
N ALA B 239 -25.33 21.50 3.24
CA ALA B 239 -26.69 21.81 3.68
C ALA B 239 -27.74 20.99 2.92
N ALA B 240 -27.61 20.88 1.60
CA ALA B 240 -28.50 20.08 0.80
C ALA B 240 -28.44 18.61 1.18
N TYR B 241 -27.21 18.07 1.28
CA TYR B 241 -27.07 16.66 1.56
C TYR B 241 -27.65 16.30 2.92
N LEU B 242 -27.40 17.13 3.93
CA LEU B 242 -27.93 16.84 5.26
C LEU B 242 -29.45 17.03 5.30
N HIS B 243 -29.98 17.97 4.52
CA HIS B 243 -31.44 18.13 4.44
C HIS B 243 -32.06 16.89 3.75
N ALA B 244 -31.39 16.36 2.74
CA ALA B 244 -31.84 15.13 2.08
C ALA B 244 -31.80 13.98 3.05
N MET B 245 -30.76 13.88 3.87
CA MET B 245 -30.70 12.81 4.88
C MET B 245 -31.87 12.90 5.82
N ASP B 246 -32.15 14.11 6.31
CA ASP B 246 -33.14 14.32 7.38
C ASP B 246 -34.57 14.22 6.86
N GLN B 247 -34.83 14.68 5.64
CA GLN B 247 -36.19 14.74 5.09
C GLN B 247 -36.59 13.48 4.35
N VAL B 248 -35.63 12.78 3.75
CA VAL B 248 -35.93 11.67 2.86
C VAL B 248 -35.26 10.38 3.32
N VAL B 249 -33.95 10.36 3.45
CA VAL B 249 -33.24 9.08 3.59
C VAL B 249 -33.57 8.41 4.91
N LEU B 250 -33.39 9.12 6.01
CA LEU B 250 -33.61 8.55 7.33
C LEU B 250 -35.09 8.18 7.53
N PRO B 251 -36.02 9.06 7.13
CA PRO B 251 -37.42 8.63 7.20
C PRO B 251 -37.73 7.39 6.35
N ALA B 252 -37.10 7.26 5.18
CA ALA B 252 -37.33 6.09 4.33
C ALA B 252 -36.85 4.80 5.02
N LEU B 253 -35.66 4.86 5.59
CA LEU B 253 -35.11 3.71 6.31
C LEU B 253 -35.98 3.35 7.51
N ARG B 254 -36.45 4.35 8.25
CA ARG B 254 -37.31 4.07 9.42
C ARG B 254 -38.64 3.47 9.00
N ALA B 255 -39.19 3.92 7.87
CA ALA B 255 -40.45 3.36 7.37
C ALA B 255 -40.28 1.91 6.93
N TYR B 256 -39.13 1.62 6.34
CA TYR B 256 -38.91 0.32 5.70
C TYR B 256 -38.50 -0.76 6.70
N ARG B 257 -37.79 -0.37 7.76
CA ARG B 257 -37.29 -1.28 8.77
C ARG B 257 -36.44 -2.40 8.16
N PRO B 258 -35.35 -2.04 7.45
CA PRO B 258 -34.44 -3.08 6.98
C PRO B 258 -33.78 -3.80 8.16
N GLN B 259 -33.36 -5.04 7.91
CA GLN B 259 -32.60 -5.79 8.90
C GLN B 259 -31.09 -5.54 8.81
N LEU B 260 -30.69 -4.88 7.72
CA LEU B 260 -29.30 -4.53 7.44
C LEU B 260 -29.30 -3.32 6.51
N ILE B 261 -28.40 -2.38 6.78
CA ILE B 261 -28.21 -1.23 5.88
C ILE B 261 -26.83 -1.34 5.24
N ILE B 262 -26.79 -1.32 3.91
CA ILE B 262 -25.55 -1.30 3.16
C ILE B 262 -25.45 0.11 2.53
N VAL B 263 -24.31 0.77 2.76
CA VAL B 263 -24.10 2.12 2.21
C VAL B 263 -23.10 2.01 1.06
N GLY B 264 -23.54 2.40 -0.13
CA GLY B 264 -22.64 2.60 -1.26
C GLY B 264 -22.00 3.95 -1.05
N SER B 265 -20.78 3.91 -0.53
CA SER B 265 -20.10 5.09 -0.02
C SER B 265 -19.09 5.58 -1.06
N GLY B 266 -19.54 6.47 -1.93
CA GLY B 266 -18.63 7.18 -2.81
C GLY B 266 -18.32 8.53 -2.18
N PHE B 267 -17.21 9.15 -2.58
CA PHE B 267 -16.86 10.49 -2.12
C PHE B 267 -16.69 11.46 -3.29
N ASP B 268 -17.32 11.14 -4.41
CA ASP B 268 -17.27 11.99 -5.61
C ASP B 268 -18.24 13.20 -5.52
N ALA B 269 -19.01 13.31 -4.45
CA ALA B 269 -19.74 14.56 -4.16
C ALA B 269 -18.86 15.58 -3.46
N SER B 270 -17.57 15.28 -3.26
CA SER B 270 -16.71 16.24 -2.55
C SER B 270 -16.48 17.50 -3.36
N MET B 271 -16.14 18.53 -2.60
CA MET B 271 -15.85 19.85 -3.15
C MET B 271 -14.76 19.88 -4.19
N LEU B 272 -13.84 18.91 -4.15
CA LEU B 272 -12.69 18.92 -5.10
C LEU B 272 -12.76 17.83 -6.16
N ASP B 273 -13.92 17.20 -6.33
CA ASP B 273 -13.96 16.08 -7.29
C ASP B 273 -14.06 16.59 -8.72
N PRO B 274 -13.28 16.01 -9.65
CA PRO B 274 -13.43 16.40 -11.07
C PRO B 274 -14.69 15.84 -11.75
N LEU B 275 -15.27 14.75 -11.24
CA LEU B 275 -16.34 14.06 -11.96
C LEU B 275 -17.74 14.37 -11.49
N ALA B 276 -17.86 15.41 -10.67
CA ALA B 276 -19.14 16.03 -10.39
C ALA B 276 -18.93 17.44 -9.89
N ARG B 277 -20.02 18.14 -9.63
CA ARG B 277 -20.04 19.57 -9.34
C ARG B 277 -20.62 19.85 -7.95
N MET B 278 -20.47 18.89 -7.03
CA MET B 278 -21.03 19.08 -5.70
C MET B 278 -20.01 19.64 -4.71
N MET B 279 -20.48 20.03 -3.52
CA MET B 279 -19.70 20.82 -2.58
C MET B 279 -19.60 20.20 -1.19
N VAL B 280 -19.72 18.87 -1.10
CA VAL B 280 -19.68 18.24 0.21
C VAL B 280 -18.22 18.26 0.72
N THR B 281 -18.02 18.51 2.01
CA THR B 281 -16.70 18.47 2.62
C THR B 281 -16.60 17.23 3.52
N ALA B 282 -15.39 16.96 4.02
CA ALA B 282 -15.20 15.82 4.91
C ALA B 282 -16.15 15.89 6.10
N ASP B 283 -16.37 17.08 6.64
CA ASP B 283 -17.33 17.25 7.75
C ASP B 283 -18.75 16.92 7.32
N GLY B 284 -19.11 17.18 6.08
CA GLY B 284 -20.39 16.74 5.55
C GLY B 284 -20.55 15.25 5.49
N PHE B 285 -19.53 14.55 4.97
CA PHE B 285 -19.57 13.09 4.94
C PHE B 285 -19.58 12.53 6.36
N ARG B 286 -18.85 13.18 7.27
CA ARG B 286 -18.84 12.78 8.68
C ARG B 286 -20.27 12.79 9.25
N GLN B 287 -20.99 13.88 9.01
CA GLN B 287 -22.34 14.02 9.51
C GLN B 287 -23.31 13.04 8.86
N MET B 288 -23.13 12.79 7.57
CA MET B 288 -23.92 11.76 6.85
C MET B 288 -23.73 10.37 7.44
N ALA B 289 -22.47 10.01 7.69
CA ALA B 289 -22.16 8.74 8.31
C ALA B 289 -22.71 8.61 9.72
N ARG B 290 -22.49 9.62 10.53
CA ARG B 290 -22.97 9.61 11.91
C ARG B 290 -24.49 9.39 11.94
N ARG B 291 -25.22 10.14 11.13
CA ARG B 291 -26.67 10.00 11.05
C ARG B 291 -27.10 8.59 10.66
N THR B 292 -26.43 8.01 9.68
CA THR B 292 -26.81 6.69 9.17
C THR B 292 -26.48 5.59 10.19
N ILE B 293 -25.31 5.69 10.82
CA ILE B 293 -24.90 4.71 11.84
C ILE B 293 -25.88 4.78 13.01
N ASP B 294 -26.27 5.99 13.42
CA ASP B 294 -27.22 6.16 14.53
C ASP B 294 -28.60 5.61 14.15
N CYS B 295 -28.99 5.78 12.90
CA CYS B 295 -30.24 5.18 12.42
C CYS B 295 -30.20 3.64 12.49
N ALA B 296 -29.09 3.05 12.04
CA ALA B 296 -28.93 1.61 12.15
C ALA B 296 -29.03 1.16 13.60
N ALA B 297 -28.45 1.92 14.53
CA ALA B 297 -28.51 1.55 15.94
C ALA B 297 -29.95 1.50 16.41
N ASP B 298 -30.76 2.43 15.91
CA ASP B 298 -32.16 2.53 16.32
C ASP B 298 -33.05 1.46 15.74
N ILE B 299 -32.78 1.04 14.50
CA ILE B 299 -33.73 0.19 13.77
C ILE B 299 -33.28 -1.22 13.41
N CYS B 300 -31.97 -1.49 13.33
CA CYS B 300 -31.51 -2.83 12.95
C CYS B 300 -30.29 -3.30 13.73
N ASP B 301 -30.30 -2.99 15.03
CA ASP B 301 -29.28 -3.45 15.97
C ASP B 301 -27.88 -3.05 15.53
N GLY B 302 -27.77 -1.89 14.90
CA GLY B 302 -26.49 -1.37 14.48
C GLY B 302 -25.91 -1.99 13.21
N ARG B 303 -26.64 -2.85 12.52
CA ARG B 303 -26.04 -3.60 11.40
C ARG B 303 -25.93 -2.68 10.17
N ILE B 304 -24.74 -2.15 9.97
CA ILE B 304 -24.45 -1.26 8.86
C ILE B 304 -23.09 -1.62 8.26
N VAL B 305 -23.05 -1.70 6.93
CA VAL B 305 -21.87 -2.05 6.16
C VAL B 305 -21.67 -0.97 5.11
N PHE B 306 -20.53 -0.31 5.15
CA PHE B 306 -20.16 0.66 4.12
C PHE B 306 -19.31 -0.04 3.06
N VAL B 307 -19.60 0.22 1.79
CA VAL B 307 -18.88 -0.37 0.65
C VAL B 307 -18.46 0.77 -0.28
N GLN B 308 -17.16 0.88 -0.52
CA GLN B 308 -16.62 1.95 -1.37
C GLN B 308 -17.20 1.92 -2.78
N GLU B 309 -17.70 3.09 -3.22
CA GLU B 309 -18.06 3.30 -4.64
C GLU B 309 -17.01 4.27 -5.23
N GLY B 310 -17.41 5.39 -5.81
CA GLY B 310 -16.49 6.26 -6.51
C GLY B 310 -15.84 7.34 -5.70
N GLY B 311 -15.24 8.28 -6.40
CA GLY B 311 -14.43 9.34 -5.79
C GLY B 311 -13.11 9.45 -6.52
N TYR B 312 -12.77 10.68 -6.93
CA TYR B 312 -11.72 10.89 -7.92
C TYR B 312 -10.73 11.99 -7.53
N SER B 313 -10.75 12.45 -6.29
CA SER B 313 -9.71 13.37 -5.83
C SER B 313 -8.67 12.60 -5.00
N PRO B 314 -7.48 12.33 -5.56
CA PRO B 314 -6.47 11.69 -4.73
C PRO B 314 -6.00 12.56 -3.58
N HIS B 315 -6.17 13.88 -3.72
CA HIS B 315 -5.80 14.82 -2.69
C HIS B 315 -6.76 14.77 -1.51
N TYR B 316 -8.06 14.84 -1.80
CA TYR B 316 -9.05 15.07 -0.74
C TYR B 316 -9.85 13.84 -0.34
N LEU B 317 -10.09 12.93 -1.28
CA LEU B 317 -10.85 11.73 -0.93
C LEU B 317 -10.35 11.03 0.34
N PRO B 318 -9.03 10.90 0.53
CA PRO B 318 -8.62 10.22 1.75
C PRO B 318 -9.18 10.83 3.03
N PHE B 319 -9.28 12.16 3.10
CA PHE B 319 -9.82 12.82 4.30
C PHE B 319 -11.34 12.67 4.42
N CYS B 320 -12.03 12.59 3.30
CA CYS B 320 -13.48 12.32 3.33
C CYS B 320 -13.72 10.90 3.84
N GLY B 321 -12.97 9.95 3.31
CA GLY B 321 -13.09 8.57 3.78
C GLY B 321 -12.68 8.41 5.23
N LEU B 322 -11.61 9.09 5.65
CA LEU B 322 -11.15 8.97 7.02
C LEU B 322 -12.24 9.47 7.99
N ALA B 323 -12.95 10.54 7.61
CA ALA B 323 -14.03 11.03 8.45
C ALA B 323 -15.07 9.95 8.72
N VAL B 324 -15.42 9.19 7.68
CA VAL B 324 -16.40 8.10 7.85
C VAL B 324 -15.84 7.01 8.76
N ILE B 325 -14.57 6.61 8.55
CA ILE B 325 -13.94 5.60 9.40
C ILE B 325 -13.96 6.06 10.87
N GLU B 326 -13.64 7.32 11.13
CA GLU B 326 -13.63 7.86 12.49
C GLU B 326 -15.01 7.82 13.15
N GLU B 327 -16.07 8.01 12.36
CA GLU B 327 -17.43 7.84 12.91
C GLU B 327 -17.74 6.40 13.28
N LEU B 328 -17.18 5.46 12.56
CA LEU B 328 -17.32 4.05 12.90
C LEU B 328 -16.53 3.69 14.16
N THR B 329 -15.28 4.16 14.26
CA THR B 329 -14.44 3.78 15.40
C THR B 329 -14.70 4.62 16.65
N GLY B 330 -15.25 5.81 16.46
CA GLY B 330 -15.39 6.79 17.52
C GLY B 330 -14.11 7.46 17.97
N VAL B 331 -13.03 7.30 17.20
CA VAL B 331 -11.73 7.88 17.52
C VAL B 331 -11.45 9.00 16.53
N ARG B 332 -11.53 10.24 16.98
CA ARG B 332 -11.50 11.42 16.11
C ARG B 332 -10.17 12.15 16.33
N SER B 333 -9.14 11.65 15.67
CA SER B 333 -7.74 11.99 16.01
C SER B 333 -6.97 12.81 14.97
N LEU B 334 -7.58 13.15 13.83
CA LEU B 334 -6.89 13.93 12.79
C LEU B 334 -7.81 14.99 12.20
N PRO B 335 -7.33 16.24 12.09
CA PRO B 335 -8.13 17.25 11.41
C PRO B 335 -8.15 17.05 9.90
N ASP B 336 -9.15 17.64 9.26
CA ASP B 336 -9.14 17.79 7.82
C ASP B 336 -8.27 19.01 7.49
N PRO B 337 -7.10 18.79 6.87
CA PRO B 337 -6.22 19.95 6.61
C PRO B 337 -6.71 20.90 5.53
N TYR B 338 -7.76 20.50 4.81
CA TYR B 338 -8.38 21.35 3.79
C TYR B 338 -9.54 22.16 4.35
N HIS B 339 -9.86 21.99 5.64
CA HIS B 339 -11.10 22.57 6.17
C HIS B 339 -11.22 24.09 5.93
N GLU B 340 -10.18 24.83 6.31
CA GLU B 340 -10.22 26.31 6.17
C GLU B 340 -10.35 26.69 4.70
N PHE B 341 -9.55 26.06 3.86
CA PHE B 341 -9.57 26.31 2.43
C PHE B 341 -10.97 26.13 1.81
N LEU B 342 -11.66 25.07 2.17
CA LEU B 342 -12.94 24.72 1.56
C LEU B 342 -14.15 25.33 2.24
N ALA B 343 -14.06 25.60 3.54
CA ALA B 343 -15.21 26.08 4.30
C ALA B 343 -15.73 27.43 3.82
N GLY B 344 -14.85 28.27 3.28
CA GLY B 344 -15.25 29.57 2.76
C GLY B 344 -15.93 29.52 1.39
N MET B 345 -15.86 28.38 0.70
CA MET B 345 -16.41 28.29 -0.65
C MET B 345 -17.90 28.18 -0.72
N GLY B 346 -18.56 27.79 0.36
CA GLY B 346 -20.00 27.73 0.38
C GLY B 346 -20.55 26.32 0.38
N GLY B 347 -21.81 26.19 0.01
CA GLY B 347 -22.52 24.91 0.09
C GLY B 347 -23.21 24.70 1.43
N ASN B 348 -22.98 25.59 2.39
CA ASN B 348 -23.51 25.41 3.75
C ASN B 348 -24.83 26.12 4.02
N THR B 349 -25.43 26.70 2.98
CA THR B 349 -26.77 27.29 3.07
C THR B 349 -27.69 26.51 2.17
N LEU B 350 -28.86 26.14 2.69
CA LEU B 350 -29.81 25.43 1.86
C LEU B 350 -30.48 26.39 0.87
N LEU B 351 -30.17 26.26 -0.41
CA LEU B 351 -30.76 27.11 -1.44
C LEU B 351 -32.18 26.66 -1.78
N ASP B 352 -33.01 27.59 -2.24
CA ASP B 352 -34.39 27.24 -2.58
C ASP B 352 -34.49 26.11 -3.58
N ALA B 353 -33.63 26.09 -4.62
CA ALA B 353 -33.71 25.06 -5.64
C ALA B 353 -33.33 23.68 -5.03
N GLU B 354 -32.38 23.67 -4.09
CA GLU B 354 -31.94 22.47 -3.40
C GLU B 354 -33.08 21.94 -2.50
N ARG B 355 -33.70 22.84 -1.77
CA ARG B 355 -34.82 22.47 -0.88
C ARG B 355 -35.95 21.87 -1.69
N ALA B 356 -36.25 22.48 -2.83
CA ALA B 356 -37.34 22.03 -3.68
C ALA B 356 -37.08 20.67 -4.30
N ALA B 357 -35.82 20.41 -4.66
CA ALA B 357 -35.47 19.12 -5.23
C ALA B 357 -35.70 17.99 -4.24
N ILE B 358 -35.42 18.27 -2.99
CA ILE B 358 -35.55 17.30 -1.91
C ILE B 358 -37.01 17.10 -1.53
N GLU B 359 -37.76 18.20 -1.44
CA GLU B 359 -39.16 18.12 -1.12
C GLU B 359 -39.97 17.32 -2.16
N GLU B 360 -39.49 17.26 -3.40
CA GLU B 360 -40.13 16.45 -4.44
C GLU B 360 -40.29 14.97 -4.05
N ILE B 361 -39.41 14.48 -3.18
CA ILE B 361 -39.38 13.07 -2.86
C ILE B 361 -40.20 12.73 -1.62
N VAL B 362 -40.50 13.73 -0.78
CA VAL B 362 -41.16 13.48 0.50
C VAL B 362 -42.52 12.77 0.36
N PRO B 363 -43.35 13.11 -0.66
CA PRO B 363 -44.64 12.41 -0.79
C PRO B 363 -44.53 10.93 -1.15
N LEU B 364 -43.36 10.50 -1.58
CA LEU B 364 -43.12 9.08 -1.92
C LEU B 364 -42.88 8.23 -0.71
N LEU B 365 -42.54 8.83 0.42
CA LEU B 365 -42.27 8.05 1.64
C LEU B 365 -43.45 7.21 2.11
N ALA B 366 -44.66 7.71 1.87
CA ALA B 366 -45.86 6.99 2.32
C ALA B 366 -46.09 5.66 1.61
N ASP B 367 -45.46 5.45 0.46
CA ASP B 367 -45.60 4.21 -0.29
C ASP B 367 -44.62 3.14 0.16
N ILE B 368 -43.75 3.47 1.12
CA ILE B 368 -42.80 2.50 1.68
C ILE B 368 -43.50 1.83 2.85
N ARG B 369 -43.96 0.61 2.58
CA ARG B 369 -44.65 -0.23 3.56
C ARG B 369 -43.80 -1.42 3.96
#